data_1TIL
#
_entry.id   1TIL
#
_cell.length_a   115.133
_cell.length_b   115.133
_cell.length_c   256.820
_cell.angle_alpha   90.00
_cell.angle_beta   90.00
_cell.angle_gamma   90.00
#
_symmetry.space_group_name_H-M   'P 41 2 2'
#
loop_
_entity.id
_entity.type
_entity.pdbx_description
1 polymer 'Anti-sigma F factor'
2 polymer 'Anti-sigma F factor antagonist'
3 non-polymer 'MAGNESIUM ION'
4 non-polymer "ADENOSINE-5'-TRIPHOSPHATE"
5 water water
#
loop_
_entity_poly.entity_id
_entity_poly.type
_entity_poly.pdbx_seq_one_letter_code
_entity_poly.pdbx_strand_id
1 'polypeptide(L)'
;MRNEMHLQFSARSENESFARVTVAAFVAQLDPTMDELTEIKTVVSEAVTNAIIHGYNNDPNGIVSISVIIEDGVVHLTVR
DEGVGIPDIEEARQPLFTTKPELERSGMGFTIMENFMDEVIVESEVNKGTTVYLKKHIVKSKALSN
;
A,C,E
2 'polypeptide(L)'
;GSHMSLAIDLEVKQDVLIVRLSGELDHHTAEELREQVTDVLENRAIRHIVLNLGQLTFMDASGLGVILGRYKQIKNVGGQ
MVVCAVSPAVKRLFDMSGLFKIIRVEADEQFALQALGVA
;
B,D,F
#
# COMPACT_ATOMS: atom_id res chain seq x y z
N MET A 1 19.68 -5.74 -5.30
CA MET A 1 19.81 -5.87 -3.82
C MET A 1 18.52 -6.43 -3.24
N ARG A 2 18.60 -6.93 -2.01
CA ARG A 2 17.49 -7.54 -1.31
C ARG A 2 17.67 -7.23 0.17
N ASN A 3 16.68 -6.57 0.75
CA ASN A 3 16.75 -6.17 2.15
C ASN A 3 15.38 -6.39 2.80
N GLU A 4 15.32 -7.13 3.90
CA GLU A 4 14.03 -7.35 4.54
C GLU A 4 13.96 -6.85 5.98
N MET A 5 12.78 -6.36 6.35
CA MET A 5 12.52 -5.80 7.66
C MET A 5 11.17 -6.25 8.22
N HIS A 6 11.12 -6.48 9.52
CA HIS A 6 9.88 -6.90 10.15
C HIS A 6 9.73 -6.12 11.46
N LEU A 7 8.58 -5.47 11.62
CA LEU A 7 8.27 -4.65 12.77
C LEU A 7 6.95 -5.06 13.44
N GLN A 8 6.98 -5.23 14.76
CA GLN A 8 5.77 -5.57 15.53
C GLN A 8 5.60 -4.56 16.66
N PHE A 9 4.39 -4.03 16.82
CA PHE A 9 4.14 -3.05 17.87
C PHE A 9 2.72 -3.11 18.41
N SER A 10 2.46 -2.36 19.47
CA SER A 10 1.15 -2.32 20.14
C SER A 10 0.15 -1.51 19.33
N ALA A 11 -1.12 -1.89 19.40
CA ALA A 11 -2.14 -1.19 18.66
C ALA A 11 -2.47 0.13 19.34
N ARG A 12 -1.59 1.11 19.17
CA ARG A 12 -1.76 2.43 19.77
C ARG A 12 -1.60 3.48 18.71
N SER A 13 -2.43 4.52 18.77
CA SER A 13 -2.37 5.59 17.77
C SER A 13 -1.01 6.29 17.61
N GLU A 14 -0.25 6.40 18.69
CA GLU A 14 1.06 7.05 18.58
C GLU A 14 1.90 6.30 17.57
N ASN A 15 1.71 4.97 17.53
CA ASN A 15 2.47 4.12 16.64
C ASN A 15 2.15 4.24 15.15
N GLU A 16 1.10 4.95 14.80
CA GLU A 16 0.78 5.11 13.39
C GLU A 16 1.91 5.98 12.80
N SER A 17 2.29 7.01 13.55
CA SER A 17 3.37 7.88 13.10
C SER A 17 4.66 7.07 13.13
N PHE A 18 4.82 6.26 14.16
CA PHE A 18 5.99 5.42 14.33
C PHE A 18 6.27 4.54 13.11
N ALA A 19 5.23 3.83 12.66
CA ALA A 19 5.32 2.95 11.51
C ALA A 19 5.64 3.76 10.26
N ARG A 20 5.02 4.92 10.12
CA ARG A 20 5.30 5.76 8.96
C ARG A 20 6.79 6.08 8.90
N VAL A 21 7.36 6.47 10.04
CA VAL A 21 8.77 6.82 10.10
C VAL A 21 9.67 5.63 9.79
N THR A 22 9.42 4.51 10.46
CA THR A 22 10.18 3.30 10.28
C THR A 22 10.17 2.84 8.83
N VAL A 23 8.98 2.65 8.26
CA VAL A 23 8.89 2.20 6.89
C VAL A 23 9.59 3.14 5.92
N ALA A 24 9.34 4.44 6.07
CA ALA A 24 9.97 5.43 5.19
C ALA A 24 11.49 5.32 5.21
N ALA A 25 12.05 5.13 6.41
CA ALA A 25 13.49 5.01 6.52
C ALA A 25 13.96 3.79 5.75
N PHE A 26 13.28 2.67 5.95
CA PHE A 26 13.67 1.45 5.26
C PHE A 26 13.59 1.55 3.75
N VAL A 27 12.59 2.25 3.24
CA VAL A 27 12.41 2.41 1.81
C VAL A 27 13.23 3.56 1.21
N ALA A 28 13.86 4.35 2.05
CA ALA A 28 14.67 5.47 1.57
C ALA A 28 15.83 4.91 0.75
N GLN A 29 16.27 3.72 1.13
CA GLN A 29 17.37 3.03 0.45
C GLN A 29 17.14 2.91 -1.06
N LEU A 30 15.93 3.14 -1.53
CA LEU A 30 15.67 3.03 -2.95
C LEU A 30 15.64 4.41 -3.58
N ASP A 31 16.07 5.40 -2.82
CA ASP A 31 16.08 6.78 -3.28
C ASP A 31 14.89 7.08 -4.18
N PRO A 32 13.69 7.11 -3.59
CA PRO A 32 12.48 7.39 -4.35
C PRO A 32 12.06 8.85 -4.26
N THR A 33 11.13 9.24 -5.12
CA THR A 33 10.59 10.59 -5.17
C THR A 33 10.05 10.97 -3.81
N MET A 34 9.82 12.26 -3.59
CA MET A 34 9.24 12.68 -2.32
C MET A 34 7.80 12.20 -2.37
N ASP A 35 7.19 12.26 -3.56
CA ASP A 35 5.82 11.81 -3.72
C ASP A 35 5.72 10.32 -3.47
N GLU A 36 6.66 9.56 -4.04
CA GLU A 36 6.68 8.12 -3.85
C GLU A 36 6.78 7.81 -2.37
N LEU A 37 7.65 8.56 -1.68
CA LEU A 37 7.84 8.36 -0.26
C LEU A 37 6.58 8.76 0.51
N THR A 38 6.00 9.91 0.15
CA THR A 38 4.78 10.40 0.80
C THR A 38 3.65 9.39 0.59
N GLU A 39 3.53 8.88 -0.63
CA GLU A 39 2.52 7.90 -0.96
C GLU A 39 2.74 6.69 -0.09
N ILE A 40 3.98 6.25 0.01
CA ILE A 40 4.29 5.08 0.82
C ILE A 40 4.04 5.36 2.30
N LYS A 41 4.28 6.59 2.73
CA LYS A 41 4.04 6.93 4.13
C LYS A 41 2.54 6.90 4.40
N THR A 42 1.76 7.50 3.48
CA THR A 42 0.31 7.56 3.63
C THR A 42 -0.27 6.16 3.76
N VAL A 43 -0.05 5.34 2.74
CA VAL A 43 -0.54 3.96 2.70
C VAL A 43 -0.25 3.21 4.02
N VAL A 44 0.97 3.32 4.52
CA VAL A 44 1.31 2.66 5.76
C VAL A 44 0.40 3.18 6.86
N SER A 45 0.10 4.47 6.81
CA SER A 45 -0.75 5.10 7.80
C SER A 45 -2.16 4.50 7.71
N GLU A 46 -2.71 4.46 6.51
CA GLU A 46 -4.04 3.90 6.30
C GLU A 46 -4.21 2.49 6.83
N ALA A 47 -3.28 1.61 6.48
CA ALA A 47 -3.34 0.22 6.89
C ALA A 47 -3.15 0.05 8.37
N VAL A 48 -2.13 0.68 8.94
CA VAL A 48 -1.89 0.55 10.37
C VAL A 48 -3.09 1.11 11.17
N THR A 49 -3.60 2.26 10.76
CA THR A 49 -4.75 2.85 11.45
C THR A 49 -5.90 1.85 11.42
N ASN A 50 -6.23 1.35 10.23
CA ASN A 50 -7.31 0.37 10.09
C ASN A 50 -7.14 -0.77 11.10
N ALA A 51 -5.95 -1.37 11.14
CA ALA A 51 -5.71 -2.48 12.05
C ALA A 51 -5.99 -2.08 13.49
N ILE A 52 -5.63 -0.86 13.85
CA ILE A 52 -5.84 -0.40 15.20
C ILE A 52 -7.29 -0.09 15.53
N ILE A 53 -7.92 0.79 14.75
CA ILE A 53 -9.29 1.16 15.03
C ILE A 53 -10.35 0.16 14.59
N HIS A 54 -10.08 -0.64 13.57
CA HIS A 54 -11.07 -1.61 13.11
C HIS A 54 -10.69 -3.01 13.57
N GLY A 55 -9.45 -3.40 13.29
CA GLY A 55 -8.98 -4.71 13.66
C GLY A 55 -9.08 -4.98 15.14
N TYR A 56 -8.57 -4.06 15.96
CA TYR A 56 -8.61 -4.27 17.39
C TYR A 56 -9.55 -3.33 18.15
N ASN A 57 -10.43 -2.63 17.45
CA ASN A 57 -11.36 -1.72 18.13
C ASN A 57 -10.62 -0.96 19.23
N ASN A 58 -9.49 -0.38 18.86
CA ASN A 58 -8.67 0.42 19.76
C ASN A 58 -8.16 -0.24 21.04
N ASP A 59 -8.06 -1.56 21.04
CA ASP A 59 -7.55 -2.26 22.21
C ASP A 59 -6.02 -2.30 22.05
N PRO A 60 -5.28 -1.55 22.91
CA PRO A 60 -3.82 -1.45 22.89
C PRO A 60 -3.03 -2.74 23.08
N ASN A 61 -3.72 -3.85 23.33
CA ASN A 61 -2.99 -5.10 23.50
C ASN A 61 -2.85 -5.85 22.17
N GLY A 62 -3.44 -5.32 21.11
CA GLY A 62 -3.35 -5.97 19.82
C GLY A 62 -1.97 -5.78 19.23
N ILE A 63 -1.52 -6.70 18.38
CA ILE A 63 -0.20 -6.56 17.77
C ILE A 63 -0.21 -6.31 16.26
N VAL A 64 0.01 -5.07 15.86
CA VAL A 64 0.05 -4.76 14.44
C VAL A 64 1.39 -5.34 13.92
N SER A 65 1.38 -5.92 12.73
CA SER A 65 2.59 -6.49 12.15
C SER A 65 2.82 -5.99 10.74
N ILE A 66 3.93 -5.28 10.57
CA ILE A 66 4.32 -4.71 9.30
C ILE A 66 5.60 -5.39 8.83
N SER A 67 5.74 -5.63 7.53
CA SER A 67 6.97 -6.21 7.02
C SER A 67 7.23 -5.75 5.59
N VAL A 68 8.33 -5.03 5.42
CA VAL A 68 8.72 -4.52 4.12
C VAL A 68 9.95 -5.26 3.57
N ILE A 69 9.89 -5.63 2.29
CA ILE A 69 11.00 -6.29 1.62
C ILE A 69 11.23 -5.45 0.38
N ILE A 70 12.42 -4.88 0.23
CA ILE A 70 12.70 -4.08 -0.96
C ILE A 70 13.75 -4.81 -1.75
N GLU A 71 13.56 -4.88 -3.06
CA GLU A 71 14.50 -5.60 -3.92
C GLU A 71 14.33 -5.24 -5.39
N ASP A 72 15.43 -4.81 -5.99
CA ASP A 72 15.48 -4.42 -7.39
C ASP A 72 14.44 -3.38 -7.71
N GLY A 73 14.38 -2.35 -6.90
CA GLY A 73 13.43 -1.30 -7.16
C GLY A 73 11.97 -1.52 -6.79
N VAL A 74 11.58 -2.70 -6.34
CA VAL A 74 10.18 -2.87 -5.97
C VAL A 74 10.04 -3.00 -4.48
N VAL A 75 8.91 -2.54 -3.97
CA VAL A 75 8.62 -2.60 -2.55
C VAL A 75 7.45 -3.55 -2.30
N HIS A 76 7.64 -4.45 -1.36
CA HIS A 76 6.59 -5.40 -0.96
C HIS A 76 6.24 -5.07 0.48
N LEU A 77 5.12 -4.37 0.67
CA LEU A 77 4.67 -3.98 2.01
C LEU A 77 3.55 -4.87 2.51
N THR A 78 3.62 -5.26 3.77
CA THR A 78 2.59 -6.12 4.36
C THR A 78 2.21 -5.67 5.76
N VAL A 79 0.92 -5.41 5.95
CA VAL A 79 0.41 -5.00 7.25
C VAL A 79 -0.56 -6.07 7.68
N ARG A 80 -0.33 -6.65 8.85
CA ARG A 80 -1.21 -7.71 9.31
C ARG A 80 -1.67 -7.57 10.76
N ASP A 81 -2.85 -8.10 11.07
CA ASP A 81 -3.39 -8.05 12.43
C ASP A 81 -4.17 -9.33 12.69
N GLU A 82 -4.15 -9.81 13.92
CA GLU A 82 -4.88 -11.01 14.29
C GLU A 82 -6.15 -10.47 14.95
N GLY A 83 -6.87 -9.60 14.24
CA GLY A 83 -8.06 -9.01 14.80
C GLY A 83 -9.40 -9.53 14.35
N VAL A 84 -10.38 -8.64 14.43
CA VAL A 84 -11.78 -8.89 14.10
C VAL A 84 -12.08 -9.42 12.68
N GLY A 85 -11.35 -8.95 11.68
CA GLY A 85 -11.58 -9.43 10.33
C GLY A 85 -12.57 -8.61 9.53
N ILE A 86 -12.63 -8.88 8.24
CA ILE A 86 -13.53 -8.17 7.33
C ILE A 86 -14.52 -9.16 6.74
N PRO A 87 -15.81 -9.03 7.08
CA PRO A 87 -16.90 -9.90 6.60
C PRO A 87 -17.03 -9.93 5.09
N ASP A 88 -17.18 -8.76 4.50
CA ASP A 88 -17.34 -8.63 3.06
C ASP A 88 -16.20 -7.72 2.59
N ILE A 89 -15.09 -8.30 2.19
CA ILE A 89 -13.95 -7.50 1.75
C ILE A 89 -14.29 -6.65 0.54
N GLU A 90 -15.07 -7.21 -0.37
CA GLU A 90 -15.46 -6.50 -1.57
C GLU A 90 -16.26 -5.23 -1.30
N GLU A 91 -17.14 -5.30 -0.32
CA GLU A 91 -17.97 -4.17 0.06
C GLU A 91 -17.08 -3.09 0.68
N ALA A 92 -16.24 -3.51 1.60
CA ALA A 92 -15.34 -2.60 2.29
C ALA A 92 -14.39 -1.80 1.39
N ARG A 93 -14.14 -2.31 0.18
CA ARG A 93 -13.23 -1.61 -0.75
C ARG A 93 -13.88 -0.44 -1.46
N GLN A 94 -15.21 -0.43 -1.48
CA GLN A 94 -15.94 0.63 -2.17
C GLN A 94 -15.60 2.00 -1.59
N PRO A 95 -15.25 2.95 -2.46
CA PRO A 95 -14.95 4.26 -1.90
C PRO A 95 -16.07 4.77 -0.98
N LEU A 96 -15.67 5.53 0.04
CA LEU A 96 -16.60 6.12 0.98
C LEU A 96 -17.31 5.11 1.87
N PHE A 97 -17.11 3.83 1.62
CA PHE A 97 -17.77 2.87 2.49
C PHE A 97 -17.04 2.82 3.82
N THR A 98 -17.80 2.69 4.91
CA THR A 98 -17.23 2.59 6.26
C THR A 98 -18.21 1.94 7.23
N THR A 99 -17.71 1.40 8.32
CA THR A 99 -18.59 0.78 9.28
C THR A 99 -18.53 1.57 10.57
N LYS A 100 -17.84 2.70 10.53
CA LYS A 100 -17.76 3.54 11.71
C LYS A 100 -17.83 5.02 11.34
N PRO A 101 -18.89 5.44 10.63
CA PRO A 101 -19.08 6.83 10.21
C PRO A 101 -19.31 7.77 11.39
N GLU A 102 -19.80 7.24 12.50
CA GLU A 102 -20.05 8.06 13.67
C GLU A 102 -18.73 8.39 14.33
N LEU A 103 -17.64 7.93 13.74
CA LEU A 103 -16.32 8.21 14.29
C LEU A 103 -15.56 9.02 13.26
N GLU A 104 -16.30 9.79 12.48
CA GLU A 104 -15.72 10.63 11.45
C GLU A 104 -14.76 9.89 10.55
N ARG A 105 -15.09 8.66 10.21
CA ARG A 105 -14.27 7.87 9.32
C ARG A 105 -14.79 8.21 7.92
N SER A 106 -13.89 8.57 7.01
CA SER A 106 -14.30 8.95 5.66
C SER A 106 -14.54 7.82 4.65
N GLY A 107 -14.02 6.62 4.90
CA GLY A 107 -14.23 5.53 3.97
C GLY A 107 -13.32 5.63 2.75
N MET A 108 -12.25 6.42 2.88
CA MET A 108 -11.28 6.64 1.82
C MET A 108 -10.01 5.79 1.92
N GLY A 109 -9.81 5.16 3.07
CA GLY A 109 -8.62 4.35 3.28
C GLY A 109 -8.21 3.45 2.13
N PHE A 110 -9.00 2.42 1.86
CA PHE A 110 -8.71 1.48 0.79
C PHE A 110 -8.53 2.15 -0.55
N THR A 111 -9.38 3.12 -0.85
CA THR A 111 -9.27 3.81 -2.13
C THR A 111 -7.92 4.49 -2.25
N ILE A 112 -7.37 4.93 -1.12
CA ILE A 112 -6.06 5.56 -1.14
C ILE A 112 -5.00 4.48 -1.35
N MET A 113 -5.12 3.38 -0.61
CA MET A 113 -4.18 2.28 -0.79
C MET A 113 -4.11 1.85 -2.24
N GLU A 114 -5.25 1.47 -2.80
CA GLU A 114 -5.27 1.02 -4.19
C GLU A 114 -4.70 2.03 -5.18
N ASN A 115 -4.71 3.31 -4.84
CA ASN A 115 -4.19 4.30 -5.78
C ASN A 115 -2.78 4.79 -5.55
N PHE A 116 -2.24 4.58 -4.37
CA PHE A 116 -0.89 5.05 -4.09
C PHE A 116 0.11 3.94 -4.36
N MET A 117 -0.40 2.73 -4.56
CA MET A 117 0.47 1.58 -4.80
C MET A 117 0.10 0.96 -6.14
N ASP A 118 0.97 0.11 -6.67
CA ASP A 118 0.70 -0.51 -7.96
C ASP A 118 -0.31 -1.64 -7.81
N GLU A 119 -0.25 -2.32 -6.67
CA GLU A 119 -1.17 -3.44 -6.45
C GLU A 119 -1.54 -3.62 -4.99
N VAL A 120 -2.80 -3.94 -4.73
CA VAL A 120 -3.26 -4.17 -3.36
C VAL A 120 -4.13 -5.42 -3.30
N ILE A 121 -3.78 -6.31 -2.38
CA ILE A 121 -4.51 -7.55 -2.18
C ILE A 121 -4.96 -7.58 -0.74
N VAL A 122 -6.27 -7.68 -0.50
CA VAL A 122 -6.75 -7.76 0.87
C VAL A 122 -7.29 -9.16 1.09
N GLU A 123 -6.83 -9.78 2.16
CA GLU A 123 -7.24 -11.12 2.55
C GLU A 123 -7.69 -11.00 3.99
N SER A 124 -8.77 -11.68 4.34
CA SER A 124 -9.26 -11.62 5.71
C SER A 124 -10.28 -12.70 6.01
N GLU A 125 -10.28 -13.15 7.25
CA GLU A 125 -11.21 -14.16 7.70
C GLU A 125 -11.77 -13.65 9.01
N VAL A 126 -13.09 -13.54 9.07
CA VAL A 126 -13.76 -13.06 10.26
C VAL A 126 -13.24 -13.72 11.53
N ASN A 127 -12.85 -12.90 12.49
CA ASN A 127 -12.35 -13.34 13.78
C ASN A 127 -10.94 -13.92 13.80
N LYS A 128 -10.33 -14.03 12.62
CA LYS A 128 -8.96 -14.53 12.59
C LYS A 128 -8.11 -13.27 12.49
N GLY A 129 -8.30 -12.49 11.43
CA GLY A 129 -7.53 -11.27 11.30
C GLY A 129 -7.62 -10.73 9.90
N THR A 130 -6.73 -9.79 9.57
CA THR A 130 -6.71 -9.20 8.25
C THR A 130 -5.26 -9.00 7.82
N THR A 131 -5.01 -9.20 6.53
CA THR A 131 -3.67 -9.05 5.96
C THR A 131 -3.72 -8.28 4.65
N VAL A 132 -3.03 -7.15 4.59
CA VAL A 132 -3.02 -6.32 3.39
C VAL A 132 -1.66 -6.34 2.71
N TYR A 133 -1.63 -6.84 1.48
CA TYR A 133 -0.39 -6.91 0.72
C TYR A 133 -0.34 -5.75 -0.28
N LEU A 134 0.69 -4.91 -0.18
CA LEU A 134 0.83 -3.77 -1.09
C LEU A 134 2.16 -3.83 -1.80
N LYS A 135 2.12 -3.82 -3.12
CA LYS A 135 3.30 -3.88 -3.96
C LYS A 135 3.54 -2.49 -4.50
N LYS A 136 4.73 -2.22 -5.01
CA LYS A 136 5.04 -0.90 -5.56
C LYS A 136 6.43 -0.77 -6.16
N HIS A 137 6.51 -0.49 -7.46
CA HIS A 137 7.78 -0.32 -8.16
C HIS A 137 8.21 1.13 -8.00
N ILE A 138 9.44 1.32 -7.53
CA ILE A 138 9.97 2.66 -7.32
C ILE A 138 10.80 3.15 -8.51
N VAL A 139 10.21 4.06 -9.29
CA VAL A 139 10.89 4.62 -10.46
C VAL A 139 12.26 5.16 -10.08
N LYS A 140 13.30 4.65 -10.75
CA LYS A 140 14.65 5.09 -10.45
C LYS A 140 15.26 5.84 -11.63
N SER A 141 15.76 7.04 -11.35
CA SER A 141 16.38 7.91 -12.36
C SER A 141 17.82 7.44 -12.62
N HIS B 3 -1.08 18.27 21.35
CA HIS B 3 -0.87 16.80 21.21
C HIS B 3 0.56 16.45 20.83
N MET B 4 0.67 15.49 19.92
CA MET B 4 1.96 15.03 19.43
C MET B 4 2.08 15.18 17.91
N SER B 5 3.27 15.58 17.45
CA SER B 5 3.58 15.75 16.04
C SER B 5 2.60 16.66 15.27
N LEU B 6 1.74 17.35 16.01
CA LEU B 6 0.77 18.27 15.42
C LEU B 6 0.48 19.40 16.38
N ALA B 7 0.82 20.61 15.95
CA ALA B 7 0.61 21.80 16.75
C ALA B 7 -0.65 22.50 16.29
N ILE B 8 -1.53 22.81 17.25
CA ILE B 8 -2.79 23.47 16.95
C ILE B 8 -2.76 24.92 17.40
N ASP B 9 -3.07 25.82 16.47
CA ASP B 9 -3.11 27.26 16.77
C ASP B 9 -4.52 27.78 16.54
N LEU B 10 -5.20 28.10 17.64
CA LEU B 10 -6.57 28.60 17.57
C LEU B 10 -6.73 30.08 17.86
N GLU B 11 -7.52 30.77 17.04
CA GLU B 11 -7.77 32.19 17.20
C GLU B 11 -9.17 32.52 16.72
N VAL B 12 -9.92 33.17 17.60
CA VAL B 12 -11.30 33.55 17.32
C VAL B 12 -11.50 35.00 16.96
N LYS B 13 -12.20 35.20 15.86
CA LYS B 13 -12.53 36.53 15.43
C LYS B 13 -14.03 36.60 15.27
N GLN B 14 -14.62 37.48 16.05
CA GLN B 14 -16.03 37.69 16.03
C GLN B 14 -16.81 36.71 15.19
N ASP B 15 -17.23 35.58 15.76
CA ASP B 15 -18.03 34.54 15.08
C ASP B 15 -17.32 33.64 14.07
N VAL B 16 -16.00 33.75 13.96
CA VAL B 16 -15.17 32.89 13.08
C VAL B 16 -13.98 32.29 13.84
N LEU B 17 -13.83 30.96 13.75
CA LEU B 17 -12.74 30.25 14.40
C LEU B 17 -11.65 29.96 13.38
N ILE B 18 -10.44 30.38 13.70
CA ILE B 18 -9.33 30.15 12.80
C ILE B 18 -8.48 29.03 13.35
N VAL B 19 -8.38 27.94 12.59
CA VAL B 19 -7.58 26.80 13.00
C VAL B 19 -6.36 26.71 12.10
N ARG B 20 -5.19 26.87 12.70
CA ARG B 20 -3.93 26.81 11.99
C ARG B 20 -3.20 25.54 12.39
N LEU B 21 -3.02 24.64 11.43
CA LEU B 21 -2.35 23.39 11.72
C LEU B 21 -0.90 23.37 11.27
N SER B 22 -0.05 22.75 12.06
CA SER B 22 1.36 22.66 11.74
C SER B 22 1.93 21.32 12.23
N GLY B 23 2.23 20.43 11.30
CA GLY B 23 2.76 19.12 11.67
C GLY B 23 2.08 18.03 10.86
N GLU B 24 1.93 16.84 11.45
CA GLU B 24 1.32 15.72 10.77
C GLU B 24 -0.07 15.48 11.30
N LEU B 25 -1.00 15.12 10.42
CA LEU B 25 -2.37 14.87 10.85
C LEU B 25 -2.84 13.45 10.50
N ASP B 26 -2.99 12.61 11.50
CA ASP B 26 -3.47 11.25 11.29
C ASP B 26 -4.44 10.90 12.42
N HIS B 27 -5.06 9.72 12.34
CA HIS B 27 -6.01 9.28 13.37
C HIS B 27 -5.68 9.82 14.77
N HIS B 28 -4.55 9.41 15.31
CA HIS B 28 -4.08 9.82 16.63
C HIS B 28 -4.14 11.32 16.88
N THR B 29 -3.46 12.07 16.04
CA THR B 29 -3.40 13.50 16.17
C THR B 29 -4.74 14.18 15.85
N ALA B 30 -5.53 13.58 14.97
CA ALA B 30 -6.83 14.15 14.61
C ALA B 30 -7.78 14.12 15.81
N GLU B 31 -7.60 13.15 16.70
CA GLU B 31 -8.45 13.06 17.89
C GLU B 31 -8.22 14.31 18.75
N GLU B 32 -6.95 14.65 18.95
CA GLU B 32 -6.60 15.82 19.75
C GLU B 32 -7.17 17.08 19.11
N LEU B 33 -7.24 17.11 17.78
CA LEU B 33 -7.76 18.29 17.09
C LEU B 33 -9.27 18.42 17.28
N ARG B 34 -10.00 17.32 17.11
CA ARG B 34 -11.44 17.32 17.28
C ARG B 34 -11.81 17.80 18.68
N GLU B 35 -11.13 17.28 19.69
CA GLU B 35 -11.40 17.69 21.06
C GLU B 35 -11.19 19.19 21.21
N GLN B 36 -9.96 19.63 20.99
CA GLN B 36 -9.65 21.04 21.13
C GLN B 36 -10.61 22.00 20.41
N VAL B 37 -11.07 21.62 19.23
CA VAL B 37 -11.98 22.49 18.47
C VAL B 37 -13.42 22.46 18.97
N THR B 38 -14.01 21.28 19.09
CA THR B 38 -15.39 21.22 19.57
C THR B 38 -15.43 21.80 20.97
N ASP B 39 -14.25 22.02 21.53
CA ASP B 39 -14.13 22.57 22.88
C ASP B 39 -14.39 24.08 22.84
N VAL B 40 -13.95 24.72 21.77
CA VAL B 40 -14.16 26.15 21.61
C VAL B 40 -15.60 26.34 21.18
N LEU B 41 -16.09 25.46 20.31
CA LEU B 41 -17.46 25.56 19.82
C LEU B 41 -18.46 25.43 20.95
N GLU B 42 -18.01 24.94 22.10
CA GLU B 42 -18.89 24.79 23.25
C GLU B 42 -18.89 26.02 24.15
N ASN B 43 -17.75 26.69 24.23
CA ASN B 43 -17.61 27.88 25.07
C ASN B 43 -17.88 29.19 24.33
N ARG B 44 -18.00 29.12 23.02
CA ARG B 44 -18.24 30.31 22.22
C ARG B 44 -19.19 30.02 21.07
N ALA B 45 -19.86 31.04 20.57
CA ALA B 45 -20.79 30.87 19.46
C ALA B 45 -20.01 31.06 18.17
N ILE B 46 -19.61 29.95 17.57
CA ILE B 46 -18.85 30.01 16.34
C ILE B 46 -19.73 29.74 15.13
N ARG B 47 -19.68 30.65 14.17
CA ARG B 47 -20.48 30.54 12.96
C ARG B 47 -19.66 29.92 11.82
N HIS B 48 -18.44 30.40 11.64
CA HIS B 48 -17.57 29.92 10.57
C HIS B 48 -16.24 29.38 11.08
N ILE B 49 -15.54 28.65 10.21
CA ILE B 49 -14.23 28.11 10.53
C ILE B 49 -13.31 28.22 9.33
N VAL B 50 -12.16 28.84 9.53
CA VAL B 50 -11.16 28.99 8.47
C VAL B 50 -10.02 28.06 8.85
N LEU B 51 -9.74 27.09 7.99
CA LEU B 51 -8.69 26.12 8.25
C LEU B 51 -7.40 26.41 7.47
N ASN B 52 -6.34 26.80 8.17
CA ASN B 52 -5.06 27.10 7.53
C ASN B 52 -4.10 25.92 7.61
N LEU B 53 -3.98 25.21 6.48
CA LEU B 53 -3.12 24.03 6.39
C LEU B 53 -1.76 24.34 5.77
N GLY B 54 -1.31 25.57 5.94
CA GLY B 54 -0.03 25.97 5.38
C GLY B 54 1.16 25.20 5.92
N GLN B 55 1.17 24.95 7.23
CA GLN B 55 2.26 24.22 7.85
C GLN B 55 1.89 22.76 8.10
N LEU B 56 1.13 22.18 7.18
CA LEU B 56 0.70 20.80 7.34
C LEU B 56 1.62 19.86 6.55
N THR B 57 2.51 19.20 7.28
CA THR B 57 3.47 18.27 6.71
C THR B 57 2.87 16.99 6.13
N PHE B 58 1.89 16.42 6.82
CA PHE B 58 1.32 15.16 6.36
C PHE B 58 -0.16 15.02 6.73
N MET B 59 -0.89 14.27 5.90
CA MET B 59 -2.30 14.01 6.16
C MET B 59 -2.73 12.71 5.50
N ASP B 60 -3.45 11.88 6.25
CA ASP B 60 -3.99 10.63 5.71
C ASP B 60 -5.50 10.81 5.74
N ALA B 61 -6.25 9.74 5.54
CA ALA B 61 -7.71 9.85 5.52
C ALA B 61 -8.29 10.49 6.78
N SER B 62 -7.68 10.21 7.93
CA SER B 62 -8.16 10.76 9.19
C SER B 62 -8.34 12.27 9.08
N GLY B 63 -7.52 12.89 8.25
CA GLY B 63 -7.59 14.33 8.06
C GLY B 63 -8.87 14.70 7.36
N LEU B 64 -9.23 13.92 6.35
CA LEU B 64 -10.46 14.16 5.60
C LEU B 64 -11.61 13.98 6.59
N GLY B 65 -11.43 13.05 7.52
CA GLY B 65 -12.47 12.78 8.49
C GLY B 65 -12.72 13.87 9.52
N VAL B 66 -11.68 14.28 10.22
CA VAL B 66 -11.81 15.31 11.24
C VAL B 66 -12.30 16.62 10.63
N ILE B 67 -11.87 16.91 9.41
CA ILE B 67 -12.30 18.13 8.73
C ILE B 67 -13.78 18.10 8.42
N LEU B 68 -14.23 17.03 7.75
CA LEU B 68 -15.65 16.93 7.42
C LEU B 68 -16.45 16.84 8.71
N GLY B 69 -15.77 16.50 9.80
CA GLY B 69 -16.43 16.40 11.10
C GLY B 69 -16.82 17.78 11.59
N ARG B 70 -15.89 18.73 11.45
CA ARG B 70 -16.14 20.10 11.86
C ARG B 70 -17.17 20.69 10.88
N TYR B 71 -16.97 20.43 9.59
CA TYR B 71 -17.88 20.92 8.56
C TYR B 71 -19.34 20.77 8.98
N LYS B 72 -19.69 19.59 9.50
CA LYS B 72 -21.06 19.35 9.92
C LYS B 72 -21.44 20.27 11.06
N GLN B 73 -20.56 20.41 12.04
CA GLN B 73 -20.86 21.28 13.18
C GLN B 73 -21.20 22.70 12.73
N ILE B 74 -20.59 23.13 11.63
CA ILE B 74 -20.82 24.46 11.10
C ILE B 74 -22.09 24.53 10.25
N LYS B 75 -22.39 23.47 9.51
CA LYS B 75 -23.59 23.48 8.68
C LYS B 75 -24.84 23.64 9.53
N ASN B 76 -24.83 23.01 10.71
CA ASN B 76 -25.96 23.05 11.64
C ASN B 76 -26.22 24.44 12.21
N VAL B 77 -25.30 25.36 11.94
CA VAL B 77 -25.42 26.72 12.43
C VAL B 77 -25.45 27.68 11.24
N GLY B 78 -25.68 27.11 10.05
CA GLY B 78 -25.76 27.92 8.86
C GLY B 78 -24.50 28.61 8.40
N GLY B 79 -23.40 28.42 9.13
CA GLY B 79 -22.14 29.03 8.73
C GLY B 79 -21.44 28.21 7.66
N GLN B 80 -20.24 28.64 7.25
CA GLN B 80 -19.48 27.90 6.24
C GLN B 80 -18.05 27.73 6.68
N MET B 81 -17.35 26.79 6.02
CA MET B 81 -15.95 26.52 6.33
C MET B 81 -15.07 26.78 5.12
N VAL B 82 -13.92 27.39 5.36
CA VAL B 82 -12.98 27.71 4.29
C VAL B 82 -11.60 27.14 4.61
N VAL B 83 -11.06 26.38 3.67
CA VAL B 83 -9.73 25.79 3.83
C VAL B 83 -8.76 26.56 2.91
N CYS B 84 -7.58 26.86 3.42
CA CYS B 84 -6.60 27.59 2.62
C CYS B 84 -5.18 27.09 2.83
N ALA B 85 -4.26 27.50 1.95
CA ALA B 85 -2.87 27.10 2.05
C ALA B 85 -2.75 25.58 2.02
N VAL B 86 -3.46 24.95 1.09
CA VAL B 86 -3.46 23.51 0.96
C VAL B 86 -2.34 23.01 0.04
N SER B 87 -1.48 22.14 0.56
CA SER B 87 -0.41 21.59 -0.26
C SER B 87 -1.03 20.68 -1.32
N PRO B 88 -0.29 20.35 -2.39
CA PRO B 88 -0.85 19.48 -3.43
C PRO B 88 -1.21 18.09 -2.88
N ALA B 89 -0.39 17.60 -1.96
CA ALA B 89 -0.60 16.31 -1.34
C ALA B 89 -1.95 16.27 -0.65
N VAL B 90 -2.26 17.34 0.08
CA VAL B 90 -3.54 17.43 0.76
C VAL B 90 -4.62 17.61 -0.28
N LYS B 91 -4.37 18.46 -1.26
CA LYS B 91 -5.37 18.68 -2.29
C LYS B 91 -5.74 17.36 -2.95
N ARG B 92 -4.73 16.51 -3.17
CA ARG B 92 -4.98 15.23 -3.81
C ARG B 92 -5.95 14.39 -2.99
N LEU B 93 -5.82 14.42 -1.67
CA LEU B 93 -6.73 13.64 -0.84
C LEU B 93 -8.11 14.27 -0.85
N PHE B 94 -8.18 15.57 -1.13
CA PHE B 94 -9.46 16.27 -1.18
C PHE B 94 -10.18 15.90 -2.47
N ASP B 95 -9.50 16.06 -3.60
CA ASP B 95 -10.09 15.74 -4.88
C ASP B 95 -10.43 14.26 -4.92
N MET B 96 -9.49 13.43 -4.50
CA MET B 96 -9.67 12.00 -4.50
C MET B 96 -10.92 11.53 -3.73
N SER B 97 -11.17 12.13 -2.57
CA SER B 97 -12.34 11.75 -1.77
C SER B 97 -13.58 12.34 -2.39
N GLY B 98 -13.37 13.40 -3.17
CA GLY B 98 -14.47 14.07 -3.86
C GLY B 98 -15.46 14.75 -2.93
N LEU B 99 -15.28 14.57 -1.63
CA LEU B 99 -16.20 15.16 -0.68
C LEU B 99 -15.89 16.64 -0.46
N PHE B 100 -14.96 17.17 -1.26
CA PHE B 100 -14.60 18.57 -1.11
C PHE B 100 -14.99 19.48 -2.27
N LYS B 101 -16.06 19.09 -2.95
CA LYS B 101 -16.60 19.88 -4.05
C LYS B 101 -17.55 20.81 -3.30
N ILE B 102 -17.76 20.45 -2.03
CA ILE B 102 -18.61 21.19 -1.11
C ILE B 102 -17.80 22.30 -0.45
N ILE B 103 -16.94 21.91 0.48
CA ILE B 103 -16.11 22.85 1.22
C ILE B 103 -15.34 23.83 0.33
N ARG B 104 -15.34 25.08 0.76
CA ARG B 104 -14.69 26.19 0.07
C ARG B 104 -13.16 26.16 0.27
N VAL B 105 -12.41 26.37 -0.80
CA VAL B 105 -10.95 26.38 -0.69
C VAL B 105 -10.34 27.68 -1.23
N GLU B 106 -9.58 28.37 -0.39
CA GLU B 106 -8.96 29.61 -0.78
C GLU B 106 -7.45 29.48 -0.75
N ALA B 107 -6.78 30.51 -1.25
CA ALA B 107 -5.31 30.53 -1.31
C ALA B 107 -4.63 30.82 0.03
N ASP B 108 -5.00 31.91 0.68
CA ASP B 108 -4.41 32.26 1.96
C ASP B 108 -5.47 32.61 2.99
N GLU B 109 -5.05 32.83 4.21
CA GLU B 109 -5.97 33.15 5.30
C GLU B 109 -6.76 34.42 5.02
N GLN B 110 -6.16 35.37 4.30
CA GLN B 110 -6.85 36.62 3.97
C GLN B 110 -8.03 36.37 3.06
N PHE B 111 -7.78 35.68 1.95
CA PHE B 111 -8.84 35.38 1.00
C PHE B 111 -9.99 34.60 1.64
N ALA B 112 -9.65 33.67 2.53
CA ALA B 112 -10.65 32.89 3.22
C ALA B 112 -11.49 33.79 4.11
N LEU B 113 -10.83 34.52 5.01
CA LEU B 113 -11.52 35.44 5.91
C LEU B 113 -12.34 36.42 5.09
N GLN B 114 -11.74 36.92 4.02
CA GLN B 114 -12.38 37.88 3.12
C GLN B 114 -13.67 37.31 2.55
N ALA B 115 -13.62 36.07 2.07
CA ALA B 115 -14.79 35.42 1.50
C ALA B 115 -15.89 35.27 2.56
N LEU B 116 -15.49 35.28 3.83
CA LEU B 116 -16.43 35.16 4.94
C LEU B 116 -17.00 36.52 5.31
N GLY B 117 -16.22 37.57 5.06
CA GLY B 117 -16.68 38.90 5.38
C GLY B 117 -15.75 39.65 6.31
N VAL B 118 -15.14 38.94 7.27
CA VAL B 118 -14.23 39.56 8.22
C VAL B 118 -13.10 40.33 7.52
N ALA B 119 -12.12 39.60 6.99
CA ALA B 119 -10.99 40.21 6.30
C ALA B 119 -11.30 40.48 4.82
N MET C 1 3.21 4.58 29.10
CA MET C 1 2.54 3.44 29.80
C MET C 1 3.39 2.18 29.74
N ARG C 2 3.21 1.40 28.68
CA ARG C 2 3.94 0.15 28.50
C ARG C 2 4.02 -0.17 27.01
N ASN C 3 4.61 0.74 26.25
CA ASN C 3 4.75 0.53 24.81
C ASN C 3 5.94 -0.37 24.58
N GLU C 4 5.85 -1.24 23.57
CA GLU C 4 6.96 -2.11 23.25
C GLU C 4 6.97 -2.41 21.76
N MET C 5 8.17 -2.58 21.21
CA MET C 5 8.36 -2.82 19.78
C MET C 5 9.40 -3.91 19.51
N HIS C 6 9.28 -4.54 18.35
CA HIS C 6 10.21 -5.60 17.92
C HIS C 6 10.56 -5.41 16.46
N LEU C 7 11.84 -5.27 16.16
CA LEU C 7 12.27 -5.06 14.79
C LEU C 7 13.28 -6.12 14.38
N GLN C 8 13.11 -6.66 13.17
CA GLN C 8 14.04 -7.66 12.65
C GLN C 8 14.43 -7.22 11.27
N PHE C 9 15.71 -7.36 10.92
CA PHE C 9 16.16 -6.92 9.62
C PHE C 9 17.42 -7.61 9.13
N SER C 10 17.59 -7.60 7.81
CA SER C 10 18.75 -8.23 7.18
C SER C 10 20.02 -7.65 7.77
N ALA C 11 21.04 -8.50 7.95
CA ALA C 11 22.31 -8.05 8.51
C ALA C 11 23.11 -7.38 7.43
N ARG C 12 22.75 -6.13 7.13
CA ARG C 12 23.43 -5.37 6.08
C ARG C 12 23.77 -4.01 6.69
N SER C 13 24.99 -3.55 6.49
CA SER C 13 25.44 -2.28 7.07
C SER C 13 24.47 -1.10 7.03
N GLU C 14 23.71 -0.94 5.95
CA GLU C 14 22.76 0.19 5.89
C GLU C 14 21.75 0.15 7.01
N ASN C 15 21.41 -1.05 7.47
CA ASN C 15 20.41 -1.18 8.52
C ASN C 15 20.90 -0.71 9.88
N GLU C 16 22.18 -0.36 9.99
CA GLU C 16 22.66 0.14 11.27
C GLU C 16 22.00 1.49 11.42
N SER C 17 22.10 2.32 10.39
CA SER C 17 21.47 3.63 10.40
C SER C 17 19.96 3.43 10.65
N PHE C 18 19.39 2.50 9.91
CA PHE C 18 17.98 2.18 10.04
C PHE C 18 17.62 1.92 11.50
N ALA C 19 18.27 0.96 12.13
CA ALA C 19 17.97 0.64 13.53
C ALA C 19 18.09 1.84 14.46
N ARG C 20 19.07 2.72 14.20
CA ARG C 20 19.22 3.89 15.05
C ARG C 20 17.99 4.78 14.90
N VAL C 21 17.61 5.01 13.65
CA VAL C 21 16.45 5.83 13.33
C VAL C 21 15.21 5.27 14.03
N THR C 22 15.00 3.97 13.84
CA THR C 22 13.84 3.28 14.41
C THR C 22 13.80 3.32 15.94
N VAL C 23 14.82 2.82 16.61
CA VAL C 23 14.80 2.84 18.06
C VAL C 23 14.64 4.27 18.59
N ALA C 24 15.23 5.24 17.92
CA ALA C 24 15.14 6.62 18.36
C ALA C 24 13.69 7.10 18.34
N ALA C 25 13.05 7.01 17.19
CA ALA C 25 11.67 7.46 17.06
C ALA C 25 10.76 6.79 18.07
N PHE C 26 11.08 5.55 18.44
CA PHE C 26 10.26 4.84 19.41
C PHE C 26 10.47 5.33 20.83
N VAL C 27 11.72 5.57 21.17
CA VAL C 27 12.10 6.04 22.50
C VAL C 27 11.74 7.53 22.63
N ALA C 28 11.55 8.17 21.49
CA ALA C 28 11.20 9.60 21.43
C ALA C 28 10.07 9.99 22.35
N GLN C 29 9.12 9.07 22.52
CA GLN C 29 7.96 9.30 23.35
C GLN C 29 8.30 9.63 24.79
N LEU C 30 9.56 9.45 25.18
CA LEU C 30 9.96 9.75 26.55
C LEU C 30 10.63 11.11 26.75
N ASP C 31 10.73 11.89 25.70
CA ASP C 31 11.35 13.21 25.79
C ASP C 31 12.70 13.18 26.50
N PRO C 32 13.69 12.48 25.92
CA PRO C 32 15.02 12.39 26.52
C PRO C 32 15.96 13.53 26.12
N THR C 33 17.07 13.63 26.87
CA THR C 33 18.10 14.64 26.64
C THR C 33 18.64 14.42 25.24
N MET C 34 19.43 15.34 24.73
CA MET C 34 20.02 15.14 23.43
C MET C 34 21.06 14.05 23.62
N ASP C 35 21.75 14.11 24.75
CA ASP C 35 22.78 13.12 25.08
C ASP C 35 22.13 11.77 25.29
N GLU C 36 21.12 11.70 26.15
CA GLU C 36 20.43 10.44 26.40
C GLU C 36 20.06 9.76 25.08
N LEU C 37 19.58 10.55 24.13
CA LEU C 37 19.20 10.00 22.84
C LEU C 37 20.44 9.50 22.15
N THR C 38 21.41 10.39 21.94
CA THR C 38 22.66 10.03 21.30
C THR C 38 23.29 8.79 21.92
N GLU C 39 23.20 8.68 23.24
CA GLU C 39 23.76 7.51 23.90
C GLU C 39 23.01 6.25 23.49
N ILE C 40 21.69 6.34 23.36
CA ILE C 40 20.90 5.17 22.97
C ILE C 40 21.14 4.80 21.51
N LYS C 41 21.11 5.79 20.61
CA LYS C 41 21.36 5.53 19.20
C LYS C 41 22.74 4.88 19.06
N THR C 42 23.74 5.52 19.67
CA THR C 42 25.10 5.01 19.63
C THR C 42 25.18 3.54 20.03
N VAL C 43 24.68 3.20 21.21
CA VAL C 43 24.71 1.85 21.73
C VAL C 43 23.99 0.82 20.83
N VAL C 44 22.89 1.23 20.20
CA VAL C 44 22.14 0.34 19.31
C VAL C 44 23.02 0.04 18.11
N SER C 45 23.71 1.08 17.64
CA SER C 45 24.60 0.98 16.50
C SER C 45 25.75 0.02 16.84
N GLU C 46 26.22 0.09 18.08
CA GLU C 46 27.30 -0.77 18.52
C GLU C 46 26.95 -2.26 18.50
N ALA C 47 25.79 -2.60 19.05
CA ALA C 47 25.37 -3.99 19.13
C ALA C 47 24.90 -4.55 17.78
N VAL C 48 24.22 -3.74 16.98
CA VAL C 48 23.77 -4.19 15.67
C VAL C 48 24.96 -4.46 14.74
N THR C 49 26.01 -3.64 14.82
CA THR C 49 27.19 -3.82 13.98
C THR C 49 27.88 -5.13 14.41
N ASN C 50 27.93 -5.36 15.73
CA ASN C 50 28.54 -6.58 16.24
C ASN C 50 27.79 -7.78 15.64
N ALA C 51 26.47 -7.71 15.62
CA ALA C 51 25.68 -8.80 15.07
C ALA C 51 26.08 -9.03 13.61
N ILE C 52 26.14 -7.95 12.84
CA ILE C 52 26.49 -8.05 11.44
C ILE C 52 27.92 -8.47 11.11
N ILE C 53 28.93 -7.81 11.66
CA ILE C 53 30.28 -8.21 11.27
C ILE C 53 30.87 -9.35 12.08
N HIS C 54 30.38 -9.58 13.29
CA HIS C 54 30.92 -10.67 14.09
C HIS C 54 30.05 -11.91 14.12
N GLY C 55 28.77 -11.75 14.44
CA GLY C 55 27.88 -12.90 14.49
C GLY C 55 27.59 -13.55 13.15
N TYR C 56 27.39 -12.71 12.14
CA TYR C 56 27.09 -13.20 10.80
C TYR C 56 28.23 -13.10 9.82
N ASN C 57 29.32 -12.46 10.23
CA ASN C 57 30.49 -12.29 9.38
C ASN C 57 30.12 -11.65 8.05
N ASN C 58 29.31 -10.60 8.14
CA ASN C 58 28.88 -9.82 6.98
C ASN C 58 27.95 -10.53 6.00
N ASP C 59 27.44 -11.71 6.37
CA ASP C 59 26.51 -12.43 5.51
C ASP C 59 25.13 -11.76 5.65
N PRO C 60 24.68 -11.03 4.61
CA PRO C 60 23.38 -10.36 4.69
C PRO C 60 22.20 -11.25 4.92
N ASN C 61 22.36 -12.54 4.70
CA ASN C 61 21.24 -13.45 4.90
C ASN C 61 20.93 -13.66 6.39
N GLY C 62 21.83 -13.21 7.26
CA GLY C 62 21.59 -13.35 8.68
C GLY C 62 20.54 -12.34 9.08
N ILE C 63 19.85 -12.61 10.20
CA ILE C 63 18.81 -11.71 10.69
C ILE C 63 19.12 -11.14 12.07
N VAL C 64 19.09 -9.82 12.19
CA VAL C 64 19.35 -9.18 13.48
C VAL C 64 17.99 -8.86 14.09
N SER C 65 17.79 -9.26 15.35
CA SER C 65 16.52 -9.00 16.02
C SER C 65 16.64 -8.00 17.17
N ILE C 66 15.97 -6.86 17.04
CA ILE C 66 15.99 -5.84 18.07
C ILE C 66 14.67 -5.84 18.81
N SER C 67 14.67 -5.31 20.03
CA SER C 67 13.45 -5.24 20.82
C SER C 67 13.61 -4.12 21.84
N VAL C 68 12.72 -3.13 21.77
CA VAL C 68 12.76 -2.00 22.70
C VAL C 68 11.48 -1.99 23.53
N ILE C 69 11.63 -1.90 24.85
CA ILE C 69 10.49 -1.88 25.76
C ILE C 69 10.55 -0.70 26.72
N ILE C 70 9.72 0.32 26.47
CA ILE C 70 9.68 1.49 27.33
C ILE C 70 8.71 1.24 28.48
N GLU C 71 9.11 1.56 29.70
CA GLU C 71 8.24 1.35 30.85
C GLU C 71 8.75 1.95 32.15
N ASP C 72 8.02 2.95 32.63
CA ASP C 72 8.34 3.63 33.87
C ASP C 72 9.65 4.40 33.80
N GLY C 73 9.80 5.16 32.72
CA GLY C 73 10.99 5.97 32.54
C GLY C 73 12.24 5.23 32.08
N VAL C 74 12.22 3.90 32.11
CA VAL C 74 13.38 3.15 31.68
C VAL C 74 13.23 2.61 30.27
N VAL C 75 14.36 2.47 29.59
CA VAL C 75 14.38 1.95 28.25
C VAL C 75 15.10 0.62 28.35
N HIS C 76 14.50 -0.41 27.78
CA HIS C 76 15.08 -1.75 27.80
C HIS C 76 15.38 -2.21 26.38
N LEU C 77 16.63 -2.08 25.97
CA LEU C 77 17.07 -2.49 24.64
C LEU C 77 17.51 -3.93 24.65
N THR C 78 17.34 -4.55 23.50
CA THR C 78 17.71 -5.94 23.30
C THR C 78 18.20 -6.07 21.87
N VAL C 79 19.31 -6.78 21.70
CA VAL C 79 19.86 -7.00 20.37
C VAL C 79 20.39 -8.41 20.32
N ARG C 80 19.77 -9.26 19.51
CA ARG C 80 20.26 -10.63 19.42
C ARG C 80 20.47 -11.07 17.98
N ASP C 81 21.10 -12.23 17.83
CA ASP C 81 21.37 -12.80 16.53
C ASP C 81 21.60 -14.29 16.70
N GLU C 82 21.22 -15.09 15.70
CA GLU C 82 21.42 -16.52 15.75
C GLU C 82 22.73 -16.76 15.03
N GLY C 83 23.75 -16.03 15.46
CA GLY C 83 25.05 -16.12 14.84
C GLY C 83 26.04 -17.10 15.44
N VAL C 84 27.30 -16.81 15.19
CA VAL C 84 28.44 -17.62 15.62
C VAL C 84 28.72 -17.72 17.13
N GLY C 85 28.37 -16.70 17.90
CA GLY C 85 28.61 -16.77 19.34
C GLY C 85 29.96 -16.25 19.79
N ILE C 86 30.08 -16.00 21.08
CA ILE C 86 31.31 -15.50 21.69
C ILE C 86 31.92 -16.57 22.59
N PRO C 87 33.13 -17.04 22.24
CA PRO C 87 33.82 -18.07 23.03
C PRO C 87 34.06 -17.64 24.47
N ASP C 88 34.72 -16.50 24.63
CA ASP C 88 35.05 -15.95 25.94
C ASP C 88 34.36 -14.59 26.01
N ILE C 89 33.23 -14.50 26.70
CA ILE C 89 32.55 -13.21 26.77
C ILE C 89 33.36 -12.26 27.60
N GLU C 90 33.90 -12.80 28.69
CA GLU C 90 34.75 -12.06 29.61
C GLU C 90 35.83 -11.29 28.89
N GLU C 91 36.61 -11.99 28.07
CA GLU C 91 37.70 -11.38 27.33
C GLU C 91 37.21 -10.45 26.25
N ALA C 92 36.11 -10.83 25.61
CA ALA C 92 35.55 -10.05 24.53
C ALA C 92 35.16 -8.66 24.99
N ARG C 93 34.76 -8.57 26.26
CA ARG C 93 34.34 -7.30 26.81
C ARG C 93 35.49 -6.36 27.21
N GLN C 94 36.70 -6.90 27.30
CA GLN C 94 37.86 -6.08 27.67
C GLN C 94 38.13 -5.02 26.57
N PRO C 95 38.39 -3.77 26.97
CA PRO C 95 38.67 -2.72 25.99
C PRO C 95 39.84 -3.00 25.05
N LEU C 96 39.63 -2.69 23.78
CA LEU C 96 40.64 -2.87 22.75
C LEU C 96 40.72 -4.30 22.19
N PHE C 97 40.03 -5.23 22.84
CA PHE C 97 40.02 -6.62 22.36
C PHE C 97 39.08 -6.79 21.16
N THR C 98 39.65 -7.29 20.06
CA THR C 98 38.87 -7.51 18.85
C THR C 98 39.43 -8.72 18.12
N THR C 99 38.60 -9.41 17.34
CA THR C 99 39.10 -10.55 16.59
C THR C 99 39.08 -10.18 15.11
N LYS C 100 38.87 -8.91 14.81
CA LYS C 100 38.85 -8.45 13.44
C LYS C 100 39.82 -7.31 13.23
N PRO C 101 41.08 -7.48 13.68
CA PRO C 101 42.06 -6.42 13.51
C PRO C 101 42.28 -6.03 12.04
N GLU C 102 42.14 -7.01 11.14
CA GLU C 102 42.33 -6.77 9.70
C GLU C 102 41.23 -5.87 9.13
N LEU C 103 40.18 -5.65 9.91
CA LEU C 103 39.07 -4.83 9.46
C LEU C 103 38.97 -3.47 10.18
N GLU C 104 40.10 -2.98 10.67
CA GLU C 104 40.11 -1.69 11.35
C GLU C 104 39.09 -1.57 12.47
N ARG C 105 38.99 -2.62 13.27
CA ARG C 105 38.07 -2.61 14.39
C ARG C 105 38.90 -2.19 15.62
N SER C 106 38.45 -1.17 16.32
CA SER C 106 39.18 -0.67 17.49
C SER C 106 38.99 -1.47 18.75
N GLY C 107 37.92 -2.25 18.85
CA GLY C 107 37.70 -3.03 20.05
C GLY C 107 37.11 -2.22 21.18
N MET C 108 36.44 -1.13 20.83
CA MET C 108 35.82 -0.23 21.79
C MET C 108 34.33 -0.47 22.01
N GLY C 109 33.66 -1.03 21.00
CA GLY C 109 32.23 -1.31 21.07
C GLY C 109 31.62 -1.61 22.43
N PHE C 110 32.00 -2.73 23.03
CA PHE C 110 31.46 -3.08 24.33
C PHE C 110 31.72 -2.02 25.37
N THR C 111 32.92 -1.48 25.41
CA THR C 111 33.27 -0.45 26.36
C THR C 111 32.33 0.76 26.22
N ILE C 112 31.90 1.04 25.00
CA ILE C 112 30.99 2.15 24.77
C ILE C 112 29.60 1.78 25.30
N MET C 113 29.23 0.52 25.19
CA MET C 113 27.93 0.11 25.69
C MET C 113 27.87 0.25 27.21
N GLU C 114 28.93 -0.18 27.89
CA GLU C 114 29.00 -0.11 29.35
C GLU C 114 29.03 1.32 29.91
N ASN C 115 29.67 2.23 29.18
CA ASN C 115 29.76 3.62 29.61
C ASN C 115 28.53 4.48 29.35
N PHE C 116 27.68 4.05 28.41
CA PHE C 116 26.47 4.78 28.05
C PHE C 116 25.18 4.20 28.60
N MET C 117 25.23 3.04 29.22
CA MET C 117 24.01 2.44 29.73
C MET C 117 24.11 2.15 31.21
N ASP C 118 22.97 1.93 31.85
CA ASP C 118 22.96 1.65 33.28
C ASP C 118 23.24 0.20 33.56
N GLU C 119 23.12 -0.64 32.54
CA GLU C 119 23.39 -2.07 32.71
C GLU C 119 23.50 -2.75 31.36
N VAL C 120 24.52 -3.61 31.25
CA VAL C 120 24.76 -4.35 30.02
C VAL C 120 24.99 -5.83 30.34
N ILE C 121 24.11 -6.68 29.81
CA ILE C 121 24.20 -8.12 30.01
C ILE C 121 24.44 -8.77 28.65
N VAL C 122 25.53 -9.51 28.52
CA VAL C 122 25.83 -10.16 27.27
C VAL C 122 25.70 -11.65 27.45
N GLU C 123 24.77 -12.27 26.73
CA GLU C 123 24.61 -13.72 26.81
C GLU C 123 25.04 -14.26 25.48
N SER C 124 25.81 -15.34 25.49
CA SER C 124 26.26 -15.89 24.23
C SER C 124 26.67 -17.36 24.34
N GLU C 125 26.32 -18.12 23.31
CA GLU C 125 26.66 -19.53 23.26
C GLU C 125 27.25 -19.84 21.89
N VAL C 126 28.40 -20.49 21.87
CA VAL C 126 28.99 -20.83 20.60
C VAL C 126 28.06 -21.72 19.78
N ASN C 127 27.96 -21.39 18.50
CA ASN C 127 27.12 -22.09 17.55
C ASN C 127 25.63 -21.97 17.86
N LYS C 128 25.23 -20.85 18.44
CA LYS C 128 23.81 -20.60 18.74
C LYS C 128 23.48 -19.13 18.50
N GLY C 129 24.16 -18.23 19.19
CA GLY C 129 23.91 -16.81 19.01
C GLY C 129 24.35 -15.91 20.14
N THR C 130 24.09 -14.62 20.00
CA THR C 130 24.47 -13.63 20.99
C THR C 130 23.29 -12.69 21.27
N THR C 131 23.01 -12.45 22.54
CA THR C 131 21.92 -11.55 22.89
C THR C 131 22.45 -10.55 23.91
N VAL C 132 22.38 -9.27 23.54
CA VAL C 132 22.85 -8.22 24.41
C VAL C 132 21.64 -7.49 24.96
N TYR C 133 21.65 -7.26 26.27
CA TYR C 133 20.57 -6.55 26.93
C TYR C 133 21.15 -5.23 27.41
N LEU C 134 20.37 -4.17 27.34
CA LEU C 134 20.85 -2.87 27.76
C LEU C 134 19.70 -2.10 28.41
N LYS C 135 19.91 -1.73 29.67
CA LYS C 135 18.93 -1.00 30.47
C LYS C 135 19.37 0.45 30.56
N LYS C 136 18.46 1.38 30.29
CA LYS C 136 18.79 2.80 30.35
C LYS C 136 17.71 3.66 30.98
N HIS C 137 18.00 4.20 32.16
CA HIS C 137 17.08 5.07 32.88
C HIS C 137 17.06 6.41 32.15
N ILE C 138 15.88 6.98 31.97
CA ILE C 138 15.78 8.27 31.30
C ILE C 138 15.35 9.39 32.23
N VAL C 139 16.28 10.31 32.50
CA VAL C 139 16.00 11.45 33.37
C VAL C 139 14.76 12.19 32.89
N LYS C 140 13.68 12.04 33.63
CA LYS C 140 12.41 12.68 33.31
C LYS C 140 12.26 14.03 34.00
N SER C 141 12.17 15.08 33.19
CA SER C 141 12.03 16.45 33.69
C SER C 141 10.60 16.74 34.13
N SER D 2 16.56 13.07 -0.87
CA SER D 2 17.66 12.06 -0.90
C SER D 2 18.88 12.53 -0.10
N HIS D 3 19.94 11.73 -0.14
CA HIS D 3 21.18 12.04 0.58
C HIS D 3 22.16 10.85 0.64
N MET D 4 23.41 11.14 0.97
CA MET D 4 24.41 10.11 1.19
C MET D 4 24.50 10.22 2.71
N SER D 5 24.39 9.11 3.43
CA SER D 5 24.40 9.18 4.90
C SER D 5 25.58 9.99 5.45
N LEU D 6 26.63 10.10 4.65
CA LEU D 6 27.81 10.85 5.05
C LEU D 6 28.34 11.55 3.84
N ALA D 7 28.59 12.86 3.98
CA ALA D 7 29.11 13.68 2.90
C ALA D 7 30.63 13.78 3.05
N ILE D 8 31.38 13.51 1.98
CA ILE D 8 32.84 13.56 2.08
C ILE D 8 33.51 14.56 1.14
N ASP D 9 33.79 15.75 1.67
CA ASP D 9 34.44 16.83 0.94
C ASP D 9 35.97 16.72 1.06
N LEU D 10 36.63 16.38 -0.04
CA LEU D 10 38.08 16.22 -0.06
C LEU D 10 38.74 17.39 -0.77
N GLU D 11 39.66 18.05 -0.09
CA GLU D 11 40.37 19.20 -0.65
C GLU D 11 41.86 19.01 -0.54
N VAL D 12 42.56 19.20 -1.67
CA VAL D 12 43.99 19.03 -1.71
C VAL D 12 44.75 20.34 -1.89
N LYS D 13 45.49 20.70 -0.85
CA LYS D 13 46.29 21.90 -0.89
C LYS D 13 47.75 21.53 -0.86
N GLN D 14 48.39 21.59 -2.01
CA GLN D 14 49.78 21.31 -2.13
C GLN D 14 50.41 20.41 -1.08
N ASP D 15 50.26 19.10 -1.18
CA ASP D 15 50.89 18.16 -0.21
C ASP D 15 50.10 18.03 1.10
N VAL D 16 48.95 18.69 1.17
CA VAL D 16 48.04 18.62 2.34
C VAL D 16 46.63 18.17 1.92
N LEU D 17 46.06 17.22 2.66
CA LEU D 17 44.71 16.73 2.36
C LEU D 17 43.73 17.15 3.45
N ILE D 18 42.72 17.92 3.06
CA ILE D 18 41.71 18.37 4.01
C ILE D 18 40.43 17.60 3.77
N VAL D 19 40.04 16.82 4.76
CA VAL D 19 38.83 16.01 4.69
C VAL D 19 37.76 16.54 5.65
N ARG D 20 36.66 17.02 5.08
CA ARG D 20 35.56 17.55 5.88
C ARG D 20 34.36 16.59 5.80
N LEU D 21 33.96 16.07 6.95
CA LEU D 21 32.86 15.12 7.00
C LEU D 21 31.57 15.78 7.46
N SER D 22 30.46 15.32 6.91
CA SER D 22 29.16 15.85 7.26
C SER D 22 28.13 14.73 7.30
N GLY D 23 27.49 14.55 8.45
CA GLY D 23 26.49 13.51 8.54
C GLY D 23 26.80 12.46 9.59
N GLU D 24 26.43 11.22 9.30
CA GLU D 24 26.67 10.14 10.24
C GLU D 24 27.84 9.26 9.85
N LEU D 25 28.64 8.90 10.85
CA LEU D 25 29.81 8.06 10.61
C LEU D 25 29.73 6.76 11.38
N ASP D 26 29.21 5.71 10.72
CA ASP D 26 29.09 4.38 11.32
C ASP D 26 29.83 3.37 10.47
N HIS D 27 29.71 2.10 10.83
CA HIS D 27 30.35 1.04 10.07
C HIS D 27 30.09 1.18 8.55
N HIS D 28 28.83 1.24 8.16
CA HIS D 28 28.46 1.37 6.76
C HIS D 28 29.17 2.51 6.07
N THR D 29 29.00 3.69 6.64
CA THR D 29 29.59 4.90 6.10
C THR D 29 31.13 4.88 6.14
N ALA D 30 31.70 4.26 7.17
CA ALA D 30 33.16 4.16 7.32
C ALA D 30 33.86 3.60 6.08
N GLU D 31 33.49 2.39 5.69
CA GLU D 31 34.09 1.74 4.52
C GLU D 31 34.22 2.73 3.38
N GLU D 32 33.17 3.49 3.14
CA GLU D 32 33.18 4.46 2.06
C GLU D 32 34.30 5.47 2.23
N LEU D 33 34.39 6.07 3.42
CA LEU D 33 35.42 7.05 3.68
C LEU D 33 36.80 6.46 3.44
N ARG D 34 37.09 5.36 4.11
CA ARG D 34 38.39 4.70 3.95
C ARG D 34 38.72 4.56 2.47
N GLU D 35 37.77 4.02 1.71
CA GLU D 35 37.97 3.83 0.29
C GLU D 35 38.37 5.11 -0.42
N GLN D 36 37.63 6.18 -0.19
CA GLN D 36 37.92 7.45 -0.84
C GLN D 36 39.23 8.12 -0.44
N VAL D 37 39.63 7.94 0.80
CA VAL D 37 40.87 8.56 1.27
C VAL D 37 42.10 7.88 0.70
N THR D 38 42.22 6.56 0.89
CA THR D 38 43.38 5.84 0.38
C THR D 38 43.47 6.01 -1.12
N ASP D 39 42.32 6.31 -1.74
CA ASP D 39 42.27 6.50 -3.19
C ASP D 39 43.04 7.77 -3.57
N VAL D 40 42.90 8.81 -2.75
CA VAL D 40 43.60 10.07 -3.00
C VAL D 40 45.06 9.95 -2.60
N LEU D 41 45.31 9.28 -1.47
CA LEU D 41 46.67 9.11 -0.98
C LEU D 41 47.56 8.33 -1.95
N GLU D 42 46.94 7.68 -2.92
CA GLU D 42 47.71 6.92 -3.90
C GLU D 42 47.87 7.73 -5.18
N ASN D 43 46.80 8.39 -5.61
CA ASN D 43 46.85 9.21 -6.81
C ASN D 43 47.71 10.45 -6.59
N ARG D 44 48.04 10.72 -5.34
CA ARG D 44 48.85 11.87 -5.01
C ARG D 44 49.76 11.56 -3.83
N ALA D 45 50.80 12.36 -3.63
CA ALA D 45 51.72 12.12 -2.53
C ALA D 45 51.46 13.08 -1.38
N ILE D 46 50.50 12.73 -0.53
CA ILE D 46 50.16 13.55 0.62
C ILE D 46 51.06 13.21 1.79
N ARG D 47 51.34 14.19 2.63
CA ARG D 47 52.19 13.98 3.79
C ARG D 47 51.51 14.54 5.05
N HIS D 48 50.44 15.31 4.86
CA HIS D 48 49.69 15.90 5.97
C HIS D 48 48.18 15.79 5.78
N ILE D 49 47.48 15.42 6.83
CA ILE D 49 46.02 15.29 6.75
C ILE D 49 45.27 16.04 7.84
N VAL D 50 44.26 16.79 7.44
CA VAL D 50 43.41 17.51 8.38
C VAL D 50 42.04 16.88 8.24
N LEU D 51 41.48 16.44 9.37
CA LEU D 51 40.17 15.82 9.39
C LEU D 51 39.25 16.76 10.13
N ASN D 52 38.31 17.35 9.40
CA ASN D 52 37.34 18.29 9.96
C ASN D 52 36.05 17.55 10.29
N LEU D 53 35.79 17.36 11.57
CA LEU D 53 34.59 16.65 11.98
C LEU D 53 33.53 17.62 12.49
N GLY D 54 33.64 18.88 12.06
CA GLY D 54 32.70 19.88 12.50
C GLY D 54 31.25 19.55 12.19
N GLN D 55 30.99 19.23 10.94
CA GLN D 55 29.63 18.90 10.52
C GLN D 55 29.28 17.42 10.64
N LEU D 56 29.88 16.75 11.63
CA LEU D 56 29.59 15.34 11.83
C LEU D 56 28.47 15.19 12.86
N THR D 57 27.32 14.73 12.37
CA THR D 57 26.12 14.51 13.18
C THR D 57 26.17 13.33 14.16
N PHE D 58 26.77 12.22 13.72
CA PHE D 58 26.85 10.99 14.52
C PHE D 58 28.16 10.23 14.30
N MET D 59 28.59 9.51 15.33
CA MET D 59 29.78 8.68 15.20
C MET D 59 29.76 7.61 16.26
N ASP D 60 30.14 6.39 15.89
CA ASP D 60 30.18 5.26 16.81
C ASP D 60 31.58 4.67 16.75
N ALA D 61 31.80 3.57 17.48
CA ALA D 61 33.12 2.93 17.49
C ALA D 61 33.72 2.81 16.10
N SER D 62 32.88 2.59 15.09
CA SER D 62 33.38 2.45 13.73
C SER D 62 34.07 3.72 13.27
N GLY D 63 33.70 4.85 13.87
CA GLY D 63 34.33 6.10 13.53
C GLY D 63 35.73 6.11 14.08
N LEU D 64 35.88 5.73 15.34
CA LEU D 64 37.17 5.66 16.00
C LEU D 64 38.09 4.83 15.15
N GLY D 65 37.55 3.71 14.65
CA GLY D 65 38.36 2.85 13.84
C GLY D 65 38.92 3.47 12.58
N VAL D 66 38.05 3.90 11.68
CA VAL D 66 38.50 4.48 10.43
C VAL D 66 39.44 5.66 10.64
N ILE D 67 39.28 6.35 11.76
CA ILE D 67 40.12 7.50 12.11
C ILE D 67 41.48 7.01 12.54
N LEU D 68 41.50 6.03 13.41
CA LEU D 68 42.74 5.45 13.88
C LEU D 68 43.48 4.75 12.74
N GLY D 69 42.72 4.41 11.70
CA GLY D 69 43.30 3.73 10.56
C GLY D 69 44.05 4.73 9.70
N ARG D 70 43.39 5.81 9.33
CA ARG D 70 44.01 6.84 8.53
C ARG D 70 45.25 7.34 9.27
N TYR D 71 45.18 7.38 10.59
CA TYR D 71 46.32 7.82 11.38
C TYR D 71 47.51 6.94 11.05
N LYS D 72 47.36 5.64 11.28
CA LYS D 72 48.44 4.72 10.98
C LYS D 72 48.90 4.92 9.55
N GLN D 73 47.96 4.89 8.61
CA GLN D 73 48.27 5.04 7.19
C GLN D 73 49.16 6.25 6.85
N ILE D 74 48.78 7.42 7.34
CA ILE D 74 49.55 8.64 7.06
C ILE D 74 50.87 8.64 7.83
N LYS D 75 50.85 8.11 9.06
CA LYS D 75 52.05 8.05 9.88
C LYS D 75 53.16 7.22 9.26
N ASN D 76 52.79 6.08 8.66
CA ASN D 76 53.75 5.17 8.02
C ASN D 76 54.38 5.73 6.75
N VAL D 77 54.24 7.04 6.54
CA VAL D 77 54.81 7.72 5.38
C VAL D 77 55.41 9.05 5.87
N GLY D 78 55.86 9.05 7.11
CA GLY D 78 56.45 10.24 7.67
C GLY D 78 55.52 11.43 7.58
N GLY D 79 54.21 11.16 7.67
CA GLY D 79 53.23 12.22 7.60
C GLY D 79 52.49 12.36 8.92
N GLN D 80 51.70 13.42 9.04
CA GLN D 80 50.95 13.64 10.27
C GLN D 80 49.50 13.96 9.98
N MET D 81 48.63 13.60 10.93
CA MET D 81 47.19 13.86 10.82
C MET D 81 46.72 14.62 12.04
N VAL D 82 45.86 15.60 11.82
CA VAL D 82 45.31 16.38 12.93
C VAL D 82 43.80 16.49 12.77
N VAL D 83 43.08 16.13 13.83
CA VAL D 83 41.62 16.18 13.83
C VAL D 83 41.15 17.49 14.46
N CYS D 84 40.21 18.16 13.81
CA CYS D 84 39.70 19.41 14.36
C CYS D 84 38.18 19.50 14.26
N ALA D 85 37.61 20.42 15.04
CA ALA D 85 36.17 20.66 15.08
C ALA D 85 35.42 19.51 15.74
N VAL D 86 36.07 18.87 16.70
CA VAL D 86 35.49 17.73 17.40
C VAL D 86 34.36 18.10 18.37
N SER D 87 33.15 17.61 18.08
CA SER D 87 32.00 17.87 18.93
C SER D 87 32.19 17.15 20.26
N PRO D 88 31.53 17.63 21.33
CA PRO D 88 31.67 17.00 22.65
C PRO D 88 31.37 15.52 22.56
N ALA D 89 30.38 15.18 21.75
CA ALA D 89 29.97 13.79 21.55
C ALA D 89 31.11 12.94 21.01
N VAL D 90 31.76 13.40 19.95
CA VAL D 90 32.86 12.67 19.38
C VAL D 90 33.98 12.59 20.40
N LYS D 91 34.34 13.74 20.97
CA LYS D 91 35.40 13.78 21.97
C LYS D 91 35.12 12.76 23.06
N ARG D 92 33.88 12.70 23.53
CA ARG D 92 33.52 11.77 24.60
C ARG D 92 33.91 10.33 24.28
N LEU D 93 33.97 10.00 22.99
CA LEU D 93 34.35 8.65 22.58
C LEU D 93 35.87 8.56 22.64
N PHE D 94 36.56 9.55 22.11
CA PHE D 94 38.02 9.57 22.15
C PHE D 94 38.54 9.34 23.56
N ASP D 95 37.89 9.95 24.55
CA ASP D 95 38.31 9.81 25.93
C ASP D 95 38.02 8.45 26.54
N MET D 96 37.54 7.49 25.75
CA MET D 96 37.25 6.18 26.33
C MET D 96 38.47 5.28 26.52
N SER D 97 39.58 5.66 25.89
CA SER D 97 40.81 4.89 26.00
C SER D 97 42.03 5.70 25.59
N GLY D 98 43.04 5.69 26.45
CA GLY D 98 44.27 6.43 26.20
C GLY D 98 44.73 6.27 24.77
N LEU D 99 44.59 5.07 24.24
CA LEU D 99 45.01 4.81 22.87
C LEU D 99 44.67 5.94 21.92
N PHE D 100 43.58 6.65 22.16
CA PHE D 100 43.20 7.71 21.26
C PHE D 100 43.79 9.08 21.55
N LYS D 101 44.53 9.19 22.66
CA LYS D 101 45.17 10.45 22.99
C LYS D 101 46.33 10.61 22.01
N ILE D 102 46.54 9.60 21.19
CA ILE D 102 47.60 9.57 20.19
C ILE D 102 47.24 10.45 19.01
N ILE D 103 45.96 10.79 18.90
CA ILE D 103 45.49 11.59 17.79
C ILE D 103 45.42 13.05 18.17
N ARG D 104 46.13 13.90 17.44
CA ARG D 104 46.12 15.31 17.76
C ARG D 104 44.79 15.98 17.42
N VAL D 105 44.22 16.66 18.41
CA VAL D 105 42.96 17.37 18.24
C VAL D 105 43.16 18.88 18.40
N GLU D 106 42.71 19.64 17.41
CA GLU D 106 42.81 21.08 17.43
C GLU D 106 41.43 21.70 17.32
N ALA D 107 41.29 22.91 17.86
CA ALA D 107 40.02 23.63 17.87
C ALA D 107 39.44 23.77 16.46
N ASP D 108 39.80 24.84 15.77
CA ASP D 108 39.29 25.04 14.43
C ASP D 108 40.25 24.44 13.41
N GLU D 109 40.05 24.78 12.14
CA GLU D 109 40.88 24.24 11.07
C GLU D 109 42.23 24.97 10.95
N GLN D 110 42.21 26.29 11.02
CA GLN D 110 43.43 27.07 10.88
C GLN D 110 44.49 26.63 11.91
N PHE D 111 44.06 26.14 13.07
CA PHE D 111 44.98 25.65 14.10
C PHE D 111 45.43 24.23 13.79
N ALA D 112 44.59 23.52 13.05
CA ALA D 112 44.93 22.16 12.65
C ALA D 112 46.15 22.27 11.74
N LEU D 113 46.09 23.22 10.83
CA LEU D 113 47.20 23.45 9.90
C LEU D 113 48.44 23.96 10.64
N GLN D 114 48.24 24.82 11.63
CA GLN D 114 49.37 25.34 12.40
C GLN D 114 50.04 24.13 13.07
N ALA D 115 49.23 23.18 13.52
CA ALA D 115 49.75 21.98 14.17
C ALA D 115 50.50 21.08 13.20
N LEU D 116 50.23 21.24 11.91
CA LEU D 116 50.91 20.44 10.89
C LEU D 116 52.18 21.12 10.40
N GLY D 117 52.29 22.42 10.67
CA GLY D 117 53.46 23.16 10.22
C GLY D 117 53.30 23.64 8.79
N VAL D 118 52.09 24.04 8.43
CA VAL D 118 51.80 24.52 7.09
C VAL D 118 51.25 25.96 7.11
N ALA D 119 51.11 26.52 8.31
CA ALA D 119 50.59 27.87 8.49
C ALA D 119 50.78 28.35 9.94
N MET E 1 -54.70 -24.91 -19.66
CA MET E 1 -55.52 -24.95 -20.90
C MET E 1 -54.81 -25.77 -21.98
N ARG E 2 -54.52 -25.11 -23.10
CA ARG E 2 -53.83 -25.75 -24.21
C ARG E 2 -53.59 -24.75 -25.33
N ASN E 3 -52.42 -24.84 -25.94
CA ASN E 3 -52.03 -23.95 -27.03
C ASN E 3 -50.60 -24.32 -27.40
N GLU E 4 -50.30 -24.33 -28.70
CA GLU E 4 -48.96 -24.66 -29.12
C GLU E 4 -48.52 -23.91 -30.36
N MET E 5 -47.22 -23.69 -30.46
CA MET E 5 -46.63 -22.98 -31.56
C MET E 5 -45.28 -23.59 -31.92
N HIS E 6 -44.90 -23.48 -33.19
CA HIS E 6 -43.64 -24.03 -33.68
C HIS E 6 -42.94 -23.02 -34.56
N LEU E 7 -41.66 -22.79 -34.32
CA LEU E 7 -40.91 -21.82 -35.11
C LEU E 7 -39.63 -22.39 -35.70
N GLN E 8 -39.31 -21.92 -36.90
CA GLN E 8 -38.12 -22.33 -37.63
C GLN E 8 -37.50 -21.09 -38.23
N PHE E 9 -36.17 -21.00 -38.21
CA PHE E 9 -35.48 -19.84 -38.75
C PHE E 9 -34.03 -20.15 -39.02
N SER E 10 -33.46 -19.44 -39.99
CA SER E 10 -32.07 -19.61 -40.36
C SER E 10 -31.16 -19.51 -39.15
N ALA E 11 -30.05 -20.24 -39.19
CA ALA E 11 -29.10 -20.23 -38.08
C ALA E 11 -28.21 -19.00 -38.16
N ARG E 12 -28.81 -17.84 -37.97
CA ARG E 12 -28.09 -16.59 -38.00
C ARG E 12 -28.22 -15.91 -36.63
N SER E 13 -27.19 -15.16 -36.23
CA SER E 13 -27.18 -14.49 -34.93
C SER E 13 -28.33 -13.51 -34.67
N GLU E 14 -28.80 -12.82 -35.72
CA GLU E 14 -29.89 -11.86 -35.56
C GLU E 14 -31.08 -12.55 -34.91
N ASN E 15 -31.45 -13.69 -35.47
CA ASN E 15 -32.60 -14.44 -35.00
C ASN E 15 -32.51 -14.94 -33.56
N GLU E 16 -31.51 -14.49 -32.83
CA GLU E 16 -31.38 -14.89 -31.44
C GLU E 16 -32.36 -14.03 -30.63
N SER E 17 -32.33 -12.72 -30.87
CA SER E 17 -33.23 -11.80 -30.19
C SER E 17 -34.63 -12.18 -30.63
N PHE E 18 -34.80 -12.34 -31.93
CA PHE E 18 -36.08 -12.72 -32.53
C PHE E 18 -36.69 -13.92 -31.80
N ALA E 19 -35.86 -14.92 -31.56
CA ALA E 19 -36.30 -16.11 -30.86
C ALA E 19 -36.79 -15.74 -29.46
N ARG E 20 -36.08 -14.83 -28.81
CA ARG E 20 -36.46 -14.39 -27.48
C ARG E 20 -37.78 -13.64 -27.51
N VAL E 21 -37.87 -12.64 -28.37
CA VAL E 21 -39.09 -11.84 -28.49
C VAL E 21 -40.30 -12.74 -28.68
N THR E 22 -40.18 -13.67 -29.63
CA THR E 22 -41.25 -14.60 -29.95
C THR E 22 -41.66 -15.47 -28.76
N VAL E 23 -40.79 -16.38 -28.32
CA VAL E 23 -41.18 -17.23 -27.21
C VAL E 23 -41.71 -16.40 -26.05
N ALA E 24 -41.14 -15.21 -25.87
CA ALA E 24 -41.56 -14.32 -24.80
C ALA E 24 -43.04 -13.97 -24.97
N ALA E 25 -43.36 -13.49 -26.17
CA ALA E 25 -44.72 -13.11 -26.50
C ALA E 25 -45.69 -14.27 -26.28
N PHE E 26 -45.36 -15.43 -26.82
CA PHE E 26 -46.21 -16.61 -26.70
C PHE E 26 -46.43 -17.09 -25.27
N VAL E 27 -45.43 -16.91 -24.40
CA VAL E 27 -45.55 -17.35 -23.02
C VAL E 27 -46.20 -16.29 -22.14
N ALA E 28 -46.21 -15.06 -22.64
CA ALA E 28 -46.81 -13.93 -21.92
C ALA E 28 -48.26 -14.24 -21.58
N GLN E 29 -48.88 -15.08 -22.40
CA GLN E 29 -50.26 -15.49 -22.21
C GLN E 29 -50.48 -16.16 -20.86
N LEU E 30 -49.45 -16.14 -20.02
CA LEU E 30 -49.53 -16.75 -18.71
C LEU E 30 -49.26 -15.75 -17.57
N ASP E 31 -49.15 -14.47 -17.92
CA ASP E 31 -48.89 -13.41 -16.95
C ASP E 31 -47.87 -13.82 -15.90
N PRO E 32 -46.65 -14.12 -16.33
CA PRO E 32 -45.59 -14.53 -15.41
C PRO E 32 -44.88 -13.32 -14.83
N THR E 33 -44.05 -13.56 -13.83
CA THR E 33 -43.28 -12.49 -13.21
C THR E 33 -42.32 -12.02 -14.28
N MET E 34 -41.63 -10.92 -14.03
CA MET E 34 -40.68 -10.43 -15.00
C MET E 34 -39.49 -11.37 -14.97
N ASP E 35 -39.21 -11.93 -13.80
CA ASP E 35 -38.10 -12.87 -13.64
C ASP E 35 -38.40 -14.14 -14.43
N GLU E 36 -39.56 -14.72 -14.18
CA GLU E 36 -39.96 -15.93 -14.88
C GLU E 36 -39.83 -15.67 -16.37
N LEU E 37 -40.20 -14.46 -16.77
CA LEU E 37 -40.12 -14.10 -18.18
C LEU E 37 -38.67 -13.92 -18.61
N THR E 38 -37.87 -13.28 -17.77
CA THR E 38 -36.46 -13.07 -18.09
C THR E 38 -35.78 -14.43 -18.19
N GLU E 39 -35.99 -15.26 -17.19
CA GLU E 39 -35.39 -16.58 -17.17
C GLU E 39 -35.66 -17.27 -18.52
N ILE E 40 -36.93 -17.30 -18.92
CA ILE E 40 -37.27 -17.94 -20.17
C ILE E 40 -36.61 -17.27 -21.38
N LYS E 41 -36.64 -15.94 -21.44
CA LYS E 41 -36.00 -15.28 -22.58
C LYS E 41 -34.54 -15.75 -22.62
N THR E 42 -33.92 -15.85 -21.46
CA THR E 42 -32.52 -16.25 -21.33
C THR E 42 -32.29 -17.67 -21.83
N VAL E 43 -32.96 -18.62 -21.18
CA VAL E 43 -32.86 -20.04 -21.53
C VAL E 43 -33.01 -20.21 -23.05
N VAL E 44 -33.94 -19.46 -23.65
CA VAL E 44 -34.16 -19.54 -25.09
C VAL E 44 -32.92 -19.07 -25.86
N SER E 45 -32.36 -17.95 -25.42
CA SER E 45 -31.18 -17.41 -26.06
C SER E 45 -30.02 -18.40 -25.97
N GLU E 46 -29.85 -19.00 -24.79
CA GLU E 46 -28.77 -19.97 -24.56
C GLU E 46 -28.80 -21.13 -25.53
N ALA E 47 -29.94 -21.81 -25.61
CA ALA E 47 -30.13 -22.96 -26.48
C ALA E 47 -29.99 -22.60 -27.95
N VAL E 48 -30.63 -21.52 -28.36
CA VAL E 48 -30.57 -21.08 -29.75
C VAL E 48 -29.15 -20.69 -30.14
N THR E 49 -28.45 -20.02 -29.24
CA THR E 49 -27.08 -19.62 -29.51
C THR E 49 -26.23 -20.89 -29.64
N ASN E 50 -26.44 -21.83 -28.73
CA ASN E 50 -25.71 -23.09 -28.78
C ASN E 50 -25.89 -23.68 -30.16
N ALA E 51 -27.16 -23.85 -30.55
CA ALA E 51 -27.52 -24.41 -31.84
C ALA E 51 -26.83 -23.69 -33.00
N ILE E 52 -26.76 -22.37 -32.94
CA ILE E 52 -26.13 -21.63 -34.02
C ILE E 52 -24.61 -21.78 -34.11
N ILE E 53 -23.88 -21.42 -33.06
CA ILE E 53 -22.41 -21.52 -33.12
C ILE E 53 -21.87 -22.93 -32.96
N HIS E 54 -22.57 -23.75 -32.18
CA HIS E 54 -22.11 -25.12 -31.98
C HIS E 54 -22.71 -26.07 -32.99
N GLY E 55 -24.03 -26.27 -32.91
CA GLY E 55 -24.72 -27.15 -33.84
C GLY E 55 -24.31 -26.95 -35.29
N TYR E 56 -24.40 -25.72 -35.80
CA TYR E 56 -24.06 -25.47 -37.20
C TYR E 56 -22.79 -24.67 -37.38
N ASN E 57 -22.00 -24.51 -36.33
CA ASN E 57 -20.76 -23.73 -36.41
C ASN E 57 -20.94 -22.45 -37.23
N ASN E 58 -21.90 -21.64 -36.81
CA ASN E 58 -22.18 -20.35 -37.44
C ASN E 58 -22.53 -20.38 -38.91
N ASP E 59 -22.93 -21.53 -39.43
CA ASP E 59 -23.30 -21.60 -40.84
C ASP E 59 -24.73 -21.07 -40.97
N PRO E 60 -24.89 -19.94 -41.68
CA PRO E 60 -26.20 -19.32 -41.87
C PRO E 60 -27.30 -20.21 -42.47
N ASN E 61 -26.91 -21.26 -43.19
CA ASN E 61 -27.91 -22.14 -43.80
C ASN E 61 -28.54 -23.15 -42.85
N GLY E 62 -28.12 -23.14 -41.59
CA GLY E 62 -28.68 -24.09 -40.65
C GLY E 62 -30.13 -23.78 -40.36
N ILE E 63 -30.82 -24.67 -39.65
CA ILE E 63 -32.23 -24.46 -39.31
C ILE E 63 -32.54 -24.81 -37.87
N VAL E 64 -32.64 -23.80 -37.02
CA VAL E 64 -32.95 -24.04 -35.63
C VAL E 64 -34.47 -24.19 -35.56
N SER E 65 -34.94 -25.12 -34.74
CA SER E 65 -36.37 -25.36 -34.63
C SER E 65 -36.89 -25.28 -33.21
N ILE E 66 -37.63 -24.22 -32.92
CA ILE E 66 -38.18 -24.02 -31.60
C ILE E 66 -39.63 -24.52 -31.59
N SER E 67 -40.17 -24.70 -30.40
CA SER E 67 -41.54 -25.16 -30.24
C SER E 67 -41.96 -24.97 -28.79
N VAL E 68 -43.04 -24.23 -28.58
CA VAL E 68 -43.52 -23.96 -27.23
C VAL E 68 -44.89 -24.58 -27.01
N ILE E 69 -45.18 -24.95 -25.75
CA ILE E 69 -46.45 -25.54 -25.40
C ILE E 69 -46.95 -25.02 -24.07
N ILE E 70 -47.82 -24.02 -24.12
CA ILE E 70 -48.39 -23.47 -22.90
C ILE E 70 -49.49 -24.45 -22.53
N GLU E 71 -49.49 -24.93 -21.29
CA GLU E 71 -50.52 -25.86 -20.89
C GLU E 71 -50.51 -26.22 -19.41
N ASP E 72 -51.61 -25.85 -18.74
CA ASP E 72 -51.81 -26.12 -17.32
C ASP E 72 -51.01 -25.20 -16.41
N GLY E 73 -50.35 -24.21 -17.01
CA GLY E 73 -49.54 -23.28 -16.24
C GLY E 73 -48.06 -23.61 -16.27
N VAL E 74 -47.69 -24.58 -17.09
CA VAL E 74 -46.29 -24.98 -17.23
C VAL E 74 -45.85 -24.71 -18.66
N VAL E 75 -44.56 -24.48 -18.85
CA VAL E 75 -44.05 -24.23 -20.20
C VAL E 75 -43.18 -25.39 -20.67
N HIS E 76 -43.36 -25.76 -21.93
CA HIS E 76 -42.60 -26.85 -22.53
C HIS E 76 -41.89 -26.29 -23.73
N LEU E 77 -40.62 -25.95 -23.51
CA LEU E 77 -39.77 -25.38 -24.54
C LEU E 77 -38.97 -26.48 -25.22
N THR E 78 -38.63 -26.27 -26.48
CA THR E 78 -37.87 -27.24 -27.25
C THR E 78 -37.04 -26.58 -28.35
N VAL E 79 -35.73 -26.84 -28.32
CA VAL E 79 -34.83 -26.29 -29.34
C VAL E 79 -34.12 -27.49 -29.97
N ARG E 80 -34.24 -27.60 -31.29
CA ARG E 80 -33.67 -28.71 -32.03
C ARG E 80 -32.89 -28.24 -33.26
N ASP E 81 -31.82 -28.96 -33.57
CA ASP E 81 -31.00 -28.65 -34.72
C ASP E 81 -30.57 -29.96 -35.36
N GLU E 82 -30.26 -29.90 -36.65
CA GLU E 82 -29.83 -31.07 -37.39
C GLU E 82 -28.33 -30.89 -37.49
N GLY E 83 -27.73 -30.42 -36.40
CA GLY E 83 -26.31 -30.14 -36.38
C GLY E 83 -25.36 -31.26 -36.02
N VAL E 84 -24.11 -30.86 -35.77
CA VAL E 84 -22.99 -31.71 -35.40
C VAL E 84 -23.19 -32.68 -34.23
N GLY E 85 -24.03 -32.29 -33.27
CA GLY E 85 -24.28 -33.17 -32.14
C GLY E 85 -23.25 -33.10 -31.05
N ILE E 86 -23.58 -33.67 -29.90
CA ILE E 86 -22.69 -33.66 -28.76
C ILE E 86 -22.10 -35.05 -28.48
N PRO E 87 -20.77 -35.20 -28.61
CA PRO E 87 -20.12 -36.48 -28.35
C PRO E 87 -20.41 -36.99 -26.93
N ASP E 88 -20.15 -36.15 -25.93
CA ASP E 88 -20.39 -36.51 -24.53
C ASP E 88 -21.26 -35.44 -23.88
N ILE E 89 -22.56 -35.67 -23.86
CA ILE E 89 -23.50 -34.72 -23.28
C ILE E 89 -23.17 -34.42 -21.82
N GLU E 90 -22.92 -35.46 -21.04
CA GLU E 90 -22.57 -35.34 -19.61
C GLU E 90 -21.52 -34.27 -19.33
N GLU E 91 -20.40 -34.38 -20.02
CA GLU E 91 -19.28 -33.44 -19.85
C GLU E 91 -19.70 -32.06 -20.35
N ALA E 92 -20.36 -32.03 -21.50
CA ALA E 92 -20.81 -30.79 -22.10
C ALA E 92 -21.60 -29.91 -21.13
N ARG E 93 -22.36 -30.54 -20.25
CA ARG E 93 -23.18 -29.80 -19.29
C ARG E 93 -22.41 -29.32 -18.07
N GLN E 94 -21.14 -29.71 -17.98
CA GLN E 94 -20.28 -29.31 -16.86
C GLN E 94 -19.91 -27.82 -16.91
N PRO E 95 -20.03 -27.11 -15.78
CA PRO E 95 -19.71 -25.69 -15.73
C PRO E 95 -18.32 -25.32 -16.21
N LEU E 96 -18.27 -24.34 -17.10
CA LEU E 96 -17.03 -23.84 -17.67
C LEU E 96 -16.49 -24.69 -18.81
N PHE E 97 -17.14 -25.82 -19.08
CA PHE E 97 -16.71 -26.65 -20.19
C PHE E 97 -17.17 -26.05 -21.51
N THR E 98 -16.25 -25.90 -22.45
CA THR E 98 -16.58 -25.37 -23.77
C THR E 98 -15.62 -25.92 -24.81
N THR E 99 -16.11 -26.04 -26.03
CA THR E 99 -15.27 -26.52 -27.10
C THR E 99 -14.99 -25.35 -28.00
N LYS E 100 -15.31 -24.16 -27.52
CA LYS E 100 -15.08 -22.97 -28.31
C LYS E 100 -14.37 -21.86 -27.54
N PRO E 101 -13.29 -22.20 -26.81
CA PRO E 101 -12.54 -21.21 -26.04
C PRO E 101 -12.02 -20.02 -26.84
N GLU E 102 -11.73 -20.23 -28.13
CA GLU E 102 -11.21 -19.16 -28.98
C GLU E 102 -12.27 -18.10 -29.21
N LEU E 103 -13.53 -18.49 -29.07
CA LEU E 103 -14.64 -17.56 -29.28
C LEU E 103 -15.20 -17.13 -27.93
N GLU E 104 -14.31 -16.69 -27.05
CA GLU E 104 -14.68 -16.21 -25.72
C GLU E 104 -15.95 -16.82 -25.13
N ARG E 105 -16.02 -18.15 -25.11
CA ARG E 105 -17.20 -18.83 -24.57
C ARG E 105 -16.99 -19.18 -23.10
N SER E 106 -17.64 -18.45 -22.20
CA SER E 106 -17.49 -18.71 -20.78
C SER E 106 -17.75 -20.19 -20.45
N GLY E 107 -18.63 -20.82 -21.22
CA GLY E 107 -18.97 -22.21 -20.97
C GLY E 107 -20.03 -22.32 -19.88
N MET E 108 -20.87 -21.28 -19.79
CA MET E 108 -21.94 -21.22 -18.80
C MET E 108 -23.33 -21.56 -19.32
N GLY E 109 -23.45 -21.69 -20.65
CA GLY E 109 -24.71 -22.03 -21.27
C GLY E 109 -25.60 -23.00 -20.50
N PHE E 110 -25.24 -24.28 -20.49
CA PHE E 110 -26.05 -25.27 -19.80
C PHE E 110 -26.33 -24.99 -18.33
N THR E 111 -25.31 -24.57 -17.60
CA THR E 111 -25.48 -24.28 -16.18
C THR E 111 -26.58 -23.25 -15.95
N ILE E 112 -26.68 -22.30 -16.88
CA ILE E 112 -27.71 -21.27 -16.81
C ILE E 112 -29.06 -21.95 -16.95
N MET E 113 -29.22 -22.74 -18.01
CA MET E 113 -30.48 -23.47 -18.26
C MET E 113 -30.86 -24.32 -17.06
N GLU E 114 -29.89 -25.06 -16.53
CA GLU E 114 -30.15 -25.92 -15.39
C GLU E 114 -30.75 -25.15 -14.24
N ASN E 115 -30.36 -23.90 -14.10
CA ASN E 115 -30.84 -23.04 -13.02
C ASN E 115 -32.18 -22.37 -13.29
N PHE E 116 -32.33 -21.80 -14.49
CA PHE E 116 -33.55 -21.11 -14.86
C PHE E 116 -34.75 -21.97 -15.22
N MET E 117 -34.54 -23.28 -15.36
CA MET E 117 -35.63 -24.17 -15.72
C MET E 117 -35.83 -25.26 -14.67
N ASP E 118 -37.01 -25.85 -14.65
CA ASP E 118 -37.32 -26.91 -13.70
C ASP E 118 -36.83 -28.25 -14.18
N GLU E 119 -36.36 -28.30 -15.42
CA GLU E 119 -35.85 -29.53 -15.97
C GLU E 119 -35.27 -29.34 -17.36
N VAL E 120 -34.04 -29.78 -17.54
CA VAL E 120 -33.37 -29.68 -18.83
C VAL E 120 -32.96 -31.08 -19.24
N ILE E 121 -33.36 -31.47 -20.44
CA ILE E 121 -33.02 -32.79 -20.95
C ILE E 121 -32.34 -32.63 -22.29
N VAL E 122 -31.07 -33.02 -22.35
CA VAL E 122 -30.35 -32.90 -23.60
C VAL E 122 -30.22 -34.24 -24.28
N GLU E 123 -30.61 -34.30 -25.55
CA GLU E 123 -30.51 -35.51 -26.34
C GLU E 123 -29.79 -35.15 -27.61
N SER E 124 -28.67 -35.81 -27.86
CA SER E 124 -27.89 -35.52 -29.05
C SER E 124 -27.22 -36.79 -29.57
N GLU E 125 -26.86 -36.77 -30.85
CA GLU E 125 -26.19 -37.88 -31.47
C GLU E 125 -25.30 -37.32 -32.53
N VAL E 126 -24.01 -37.62 -32.43
CA VAL E 126 -23.03 -37.12 -33.36
C VAL E 126 -23.46 -37.18 -34.81
N ASN E 127 -23.42 -36.03 -35.47
CA ASN E 127 -23.79 -35.87 -36.87
C ASN E 127 -25.28 -35.96 -37.16
N LYS E 128 -26.06 -36.39 -36.18
CA LYS E 128 -27.51 -36.46 -36.36
C LYS E 128 -28.02 -35.06 -36.04
N GLY E 129 -28.00 -34.70 -34.76
CA GLY E 129 -28.47 -33.40 -34.33
C GLY E 129 -28.56 -33.31 -32.82
N THR E 130 -29.02 -32.17 -32.32
CA THR E 130 -29.16 -31.94 -30.88
C THR E 130 -30.56 -31.41 -30.54
N THR E 131 -31.14 -31.89 -29.44
CA THR E 131 -32.47 -31.42 -29.03
C THR E 131 -32.53 -31.21 -27.51
N VAL E 132 -32.76 -29.96 -27.10
CA VAL E 132 -32.84 -29.62 -25.68
C VAL E 132 -34.31 -29.48 -25.28
N TYR E 133 -34.72 -30.19 -24.23
CA TYR E 133 -36.09 -30.14 -23.74
C TYR E 133 -36.12 -29.39 -22.42
N LEU E 134 -36.78 -28.25 -22.42
CA LEU E 134 -36.87 -27.41 -21.24
C LEU E 134 -38.29 -27.29 -20.69
N LYS E 135 -38.48 -27.75 -19.47
CA LYS E 135 -39.77 -27.66 -18.82
C LYS E 135 -39.64 -26.53 -17.81
N LYS E 136 -40.72 -25.76 -17.60
CA LYS E 136 -40.68 -24.65 -16.65
C LYS E 136 -42.08 -24.27 -16.16
N HIS E 137 -42.32 -24.48 -14.87
CA HIS E 137 -43.61 -24.17 -14.27
C HIS E 137 -43.75 -22.66 -14.04
N ILE E 138 -44.97 -22.14 -14.18
CA ILE E 138 -45.26 -20.71 -13.99
C ILE E 138 -46.20 -20.51 -12.80
N VAL E 139 -45.96 -19.46 -12.02
CA VAL E 139 -46.79 -19.18 -10.85
C VAL E 139 -47.90 -18.17 -11.16
N LYS E 140 -49.15 -18.59 -10.98
CA LYS E 140 -50.31 -17.73 -11.22
C LYS E 140 -50.71 -16.96 -9.97
N HIS F 3 -32.43 2.28 -29.05
CA HIS F 3 -31.31 1.50 -29.65
C HIS F 3 -31.74 0.57 -30.77
N MET F 4 -30.75 -0.10 -31.32
CA MET F 4 -31.07 -1.13 -32.26
C MET F 4 -31.03 -2.33 -31.32
N SER F 5 -30.06 -3.22 -31.50
CA SER F 5 -29.98 -4.33 -30.57
C SER F 5 -29.20 -3.83 -29.34
N LEU F 6 -28.10 -3.12 -29.56
CA LEU F 6 -27.30 -2.64 -28.45
C LEU F 6 -26.57 -1.34 -28.74
N ALA F 7 -26.71 -0.38 -27.83
CA ALA F 7 -26.09 0.93 -27.99
C ALA F 7 -24.76 1.02 -27.26
N ILE F 8 -23.68 1.15 -28.02
CA ILE F 8 -22.36 1.25 -27.42
C ILE F 8 -21.80 2.68 -27.42
N ASP F 9 -21.71 3.27 -26.23
CA ASP F 9 -21.18 4.62 -26.06
C ASP F 9 -19.83 4.56 -25.36
N LEU F 10 -18.77 5.02 -26.05
CA LEU F 10 -17.41 5.00 -25.50
C LEU F 10 -16.82 6.38 -25.25
N GLU F 11 -16.18 6.55 -24.09
CA GLU F 11 -15.57 7.81 -23.71
C GLU F 11 -14.27 7.61 -22.95
N VAL F 12 -13.18 8.07 -23.56
CA VAL F 12 -11.85 7.93 -22.97
C VAL F 12 -11.56 9.12 -22.05
N LYS F 13 -11.44 8.81 -20.77
CA LYS F 13 -11.13 9.85 -19.82
C LYS F 13 -9.72 9.64 -19.30
N GLN F 14 -8.78 10.35 -19.90
CA GLN F 14 -7.42 10.26 -19.49
C GLN F 14 -6.97 8.91 -18.95
N ASP F 15 -6.65 7.96 -19.84
CA ASP F 15 -6.16 6.60 -19.47
C ASP F 15 -7.22 5.59 -19.01
N VAL F 16 -8.47 6.03 -18.95
CA VAL F 16 -9.58 5.13 -18.58
C VAL F 16 -10.57 5.04 -19.75
N LEU F 17 -11.06 3.85 -20.06
CA LEU F 17 -12.04 3.75 -21.14
C LEU F 17 -13.41 3.48 -20.51
N ILE F 18 -14.31 4.45 -20.60
CA ILE F 18 -15.64 4.30 -20.05
C ILE F 18 -16.56 3.74 -21.11
N VAL F 19 -17.01 2.52 -20.92
CA VAL F 19 -17.90 1.87 -21.88
C VAL F 19 -19.32 1.78 -21.33
N ARG F 20 -20.22 2.52 -21.96
CA ARG F 20 -21.61 2.55 -21.57
C ARG F 20 -22.42 1.69 -22.54
N LEU F 21 -23.23 0.79 -22.01
CA LEU F 21 -24.02 -0.09 -22.86
C LEU F 21 -25.52 0.08 -22.62
N SER F 22 -26.29 0.08 -23.71
CA SER F 22 -27.74 0.21 -23.60
C SER F 22 -28.47 -0.79 -24.50
N GLY F 23 -29.38 -1.56 -23.91
CA GLY F 23 -30.14 -2.52 -24.68
C GLY F 23 -29.99 -3.97 -24.26
N GLU F 24 -29.76 -4.84 -25.25
CA GLU F 24 -29.60 -6.27 -24.98
C GLU F 24 -28.23 -6.78 -25.44
N LEU F 25 -27.60 -7.59 -24.58
CA LEU F 25 -26.30 -8.14 -24.89
C LEU F 25 -26.38 -9.66 -24.99
N ASP F 26 -26.10 -10.17 -26.19
CA ASP F 26 -26.12 -11.60 -26.47
C ASP F 26 -25.11 -11.90 -27.59
N HIS F 27 -25.00 -13.17 -27.98
CA HIS F 27 -24.05 -13.56 -29.01
C HIS F 27 -23.90 -12.59 -30.17
N HIS F 28 -25.02 -12.24 -30.80
CA HIS F 28 -25.01 -11.34 -31.95
C HIS F 28 -24.42 -9.97 -31.65
N THR F 29 -24.91 -9.36 -30.57
CA THR F 29 -24.47 -8.05 -30.15
C THR F 29 -23.06 -8.02 -29.52
N ALA F 30 -22.81 -8.95 -28.59
CA ALA F 30 -21.53 -9.03 -27.90
C ALA F 30 -20.34 -8.98 -28.84
N GLU F 31 -20.48 -9.55 -30.03
CA GLU F 31 -19.38 -9.54 -30.99
C GLU F 31 -18.99 -8.12 -31.35
N GLU F 32 -19.97 -7.30 -31.69
CA GLU F 32 -19.73 -5.91 -32.05
C GLU F 32 -18.97 -5.19 -30.94
N LEU F 33 -19.46 -5.33 -29.71
CA LEU F 33 -18.86 -4.72 -28.55
C LEU F 33 -17.37 -5.03 -28.45
N ARG F 34 -17.02 -6.30 -28.58
CA ARG F 34 -15.62 -6.70 -28.50
C ARG F 34 -14.79 -5.98 -29.56
N GLU F 35 -15.20 -6.11 -30.82
CA GLU F 35 -14.49 -5.49 -31.93
C GLU F 35 -14.24 -4.00 -31.71
N GLN F 36 -15.23 -3.29 -31.17
CA GLN F 36 -15.09 -1.86 -30.94
C GLN F 36 -14.07 -1.54 -29.85
N VAL F 37 -14.32 -2.07 -28.66
CA VAL F 37 -13.43 -1.84 -27.51
C VAL F 37 -11.99 -2.21 -27.82
N THR F 38 -11.81 -3.34 -28.49
CA THR F 38 -10.48 -3.81 -28.88
C THR F 38 -9.85 -2.76 -29.79
N ASP F 39 -10.65 -2.27 -30.74
CA ASP F 39 -10.18 -1.26 -31.66
C ASP F 39 -9.66 -0.07 -30.87
N VAL F 40 -10.39 0.28 -29.81
CA VAL F 40 -10.02 1.41 -28.97
C VAL F 40 -8.71 1.18 -28.22
N LEU F 41 -8.58 0.02 -27.59
CA LEU F 41 -7.37 -0.31 -26.84
C LEU F 41 -6.13 -0.29 -27.70
N GLU F 42 -6.27 -0.69 -28.96
CA GLU F 42 -5.14 -0.72 -29.87
C GLU F 42 -4.75 0.68 -30.33
N ASN F 43 -5.69 1.38 -30.94
CA ASN F 43 -5.43 2.72 -31.44
C ASN F 43 -5.14 3.77 -30.37
N ARG F 44 -5.48 3.46 -29.13
CA ARG F 44 -5.25 4.40 -28.05
C ARG F 44 -4.40 3.73 -26.97
N ALA F 45 -3.95 4.51 -25.99
CA ALA F 45 -3.15 3.97 -24.90
C ALA F 45 -3.98 3.90 -23.63
N ILE F 46 -4.95 2.98 -23.60
CA ILE F 46 -5.83 2.82 -22.44
C ILE F 46 -5.16 1.91 -21.41
N ARG F 47 -5.49 2.11 -20.15
CA ARG F 47 -4.93 1.28 -19.09
C ARG F 47 -6.05 0.69 -18.24
N HIS F 48 -7.15 1.43 -18.12
CA HIS F 48 -8.28 0.95 -17.34
C HIS F 48 -9.57 0.93 -18.14
N ILE F 49 -10.55 0.17 -17.65
CA ILE F 49 -11.86 0.06 -18.30
C ILE F 49 -12.98 0.06 -17.28
N VAL F 50 -13.98 0.92 -17.50
CA VAL F 50 -15.15 0.95 -16.62
C VAL F 50 -16.31 0.53 -17.49
N LEU F 51 -17.07 -0.45 -17.01
CA LEU F 51 -18.20 -0.99 -17.75
C LEU F 51 -19.47 -0.66 -17.02
N ASN F 52 -20.29 0.21 -17.63
CA ASN F 52 -21.55 0.62 -17.04
C ASN F 52 -22.66 -0.21 -17.68
N LEU F 53 -23.28 -1.08 -16.90
CA LEU F 53 -24.35 -1.93 -17.40
C LEU F 53 -25.70 -1.43 -16.90
N GLY F 54 -25.77 -0.14 -16.62
CA GLY F 54 -27.00 0.45 -16.13
C GLY F 54 -28.12 0.39 -17.16
N GLN F 55 -27.81 0.77 -18.39
CA GLN F 55 -28.78 0.76 -19.48
C GLN F 55 -28.85 -0.58 -20.20
N LEU F 56 -28.57 -1.66 -19.48
CA LEU F 56 -28.62 -2.99 -20.05
C LEU F 56 -29.96 -3.62 -19.67
N THR F 57 -30.68 -4.10 -20.68
CA THR F 57 -32.00 -4.72 -20.50
C THR F 57 -31.92 -6.25 -20.41
N PHE F 58 -31.00 -6.81 -21.18
CA PHE F 58 -30.85 -8.25 -21.24
C PHE F 58 -29.40 -8.65 -21.45
N MET F 59 -29.05 -9.82 -20.91
CA MET F 59 -27.72 -10.38 -21.05
C MET F 59 -27.77 -11.89 -20.82
N ASP F 60 -27.07 -12.61 -21.68
CA ASP F 60 -26.97 -14.05 -21.57
C ASP F 60 -25.51 -14.40 -21.37
N ALA F 61 -25.19 -15.68 -21.52
CA ALA F 61 -23.82 -16.14 -21.35
C ALA F 61 -22.83 -15.36 -22.21
N SER F 62 -23.24 -14.96 -23.41
CA SER F 62 -22.35 -14.21 -24.29
C SER F 62 -21.87 -12.93 -23.63
N GLY F 63 -22.62 -12.49 -22.61
CA GLY F 63 -22.25 -11.30 -21.88
C GLY F 63 -21.09 -11.62 -20.96
N LEU F 64 -21.27 -12.66 -20.13
CA LEU F 64 -20.25 -13.13 -19.21
C LEU F 64 -18.97 -13.34 -20.02
N GLY F 65 -19.12 -14.01 -21.15
CA GLY F 65 -17.98 -14.28 -22.01
C GLY F 65 -17.25 -13.06 -22.54
N VAL F 66 -17.97 -12.04 -22.95
CA VAL F 66 -17.35 -10.83 -23.49
C VAL F 66 -16.71 -9.99 -22.39
N ILE F 67 -17.37 -9.93 -21.24
CA ILE F 67 -16.85 -9.19 -20.10
C ILE F 67 -15.50 -9.80 -19.75
N LEU F 68 -15.52 -11.12 -19.59
CA LEU F 68 -14.35 -11.89 -19.26
C LEU F 68 -13.16 -11.63 -20.17
N GLY F 69 -13.39 -11.66 -21.48
CA GLY F 69 -12.32 -11.41 -22.42
C GLY F 69 -11.67 -10.06 -22.19
N ARG F 70 -12.49 -9.06 -21.89
CA ARG F 70 -12.01 -7.71 -21.62
C ARG F 70 -11.16 -7.70 -20.36
N TYR F 71 -11.60 -8.45 -19.35
CA TYR F 71 -10.89 -8.58 -18.08
C TYR F 71 -9.47 -9.02 -18.42
N LYS F 72 -9.36 -10.08 -19.23
CA LYS F 72 -8.05 -10.55 -19.62
C LYS F 72 -7.28 -9.41 -20.28
N GLN F 73 -7.79 -8.89 -21.38
CA GLN F 73 -7.14 -7.79 -22.09
C GLN F 73 -6.53 -6.71 -21.19
N ILE F 74 -7.34 -6.19 -20.27
CA ILE F 74 -6.88 -5.15 -19.37
C ILE F 74 -5.89 -5.65 -18.33
N LYS F 75 -6.13 -6.85 -17.80
CA LYS F 75 -5.23 -7.45 -16.81
C LYS F 75 -3.86 -7.65 -17.41
N ASN F 76 -3.84 -8.14 -18.66
CA ASN F 76 -2.60 -8.39 -19.39
C ASN F 76 -1.84 -7.10 -19.64
N VAL F 77 -2.29 -6.00 -19.04
CA VAL F 77 -1.63 -4.71 -19.21
C VAL F 77 -1.43 -4.02 -17.86
N GLY F 78 -1.62 -4.78 -16.79
CA GLY F 78 -1.44 -4.23 -15.46
C GLY F 78 -2.51 -3.23 -15.08
N GLY F 79 -3.58 -3.18 -15.88
CA GLY F 79 -4.67 -2.26 -15.61
C GLY F 79 -5.82 -2.98 -14.95
N GLN F 80 -6.76 -2.24 -14.39
CA GLN F 80 -7.91 -2.85 -13.74
C GLN F 80 -9.16 -2.67 -14.58
N MET F 81 -10.21 -3.40 -14.23
CA MET F 81 -11.50 -3.29 -14.92
C MET F 81 -12.60 -3.28 -13.87
N VAL F 82 -13.44 -2.26 -13.91
CA VAL F 82 -14.52 -2.14 -12.96
C VAL F 82 -15.88 -2.16 -13.65
N VAL F 83 -16.77 -3.00 -13.15
CA VAL F 83 -18.11 -3.12 -13.71
C VAL F 83 -19.07 -2.46 -12.72
N CYS F 84 -19.93 -1.58 -13.21
CA CYS F 84 -20.85 -0.89 -12.33
C CYS F 84 -22.26 -0.84 -12.85
N ALA F 85 -23.22 -0.64 -11.94
CA ALA F 85 -24.62 -0.55 -12.29
C ALA F 85 -25.10 -1.91 -12.76
N VAL F 86 -24.72 -2.93 -12.02
CA VAL F 86 -25.11 -4.29 -12.37
C VAL F 86 -26.51 -4.60 -11.87
N SER F 87 -27.43 -4.76 -12.82
CA SER F 87 -28.82 -5.09 -12.53
C SER F 87 -28.84 -6.44 -11.82
N PRO F 88 -29.79 -6.65 -10.91
CA PRO F 88 -29.86 -7.92 -10.18
C PRO F 88 -29.88 -9.12 -11.12
N ALA F 89 -30.41 -8.89 -12.32
CA ALA F 89 -30.49 -9.93 -13.35
C ALA F 89 -29.08 -10.39 -13.72
N VAL F 90 -28.20 -9.43 -14.03
CA VAL F 90 -26.82 -9.75 -14.38
C VAL F 90 -26.04 -10.28 -13.18
N LYS F 91 -26.30 -9.73 -12.01
CA LYS F 91 -25.61 -10.19 -10.82
C LYS F 91 -25.92 -11.67 -10.59
N ARG F 92 -27.10 -12.09 -11.00
CA ARG F 92 -27.49 -13.49 -10.83
C ARG F 92 -26.66 -14.43 -11.71
N LEU F 93 -26.15 -13.91 -12.83
CA LEU F 93 -25.32 -14.71 -13.74
C LEU F 93 -23.90 -14.79 -13.21
N PHE F 94 -23.43 -13.70 -12.62
CA PHE F 94 -22.09 -13.65 -12.04
C PHE F 94 -22.04 -14.64 -10.89
N ASP F 95 -23.08 -14.63 -10.07
CA ASP F 95 -23.16 -15.53 -8.93
C ASP F 95 -23.30 -16.98 -9.33
N MET F 96 -23.35 -17.25 -10.64
CA MET F 96 -23.51 -18.63 -11.09
C MET F 96 -22.25 -19.49 -11.09
N SER F 97 -21.10 -18.88 -10.82
CA SER F 97 -19.81 -19.58 -10.75
C SER F 97 -18.73 -18.70 -10.11
N GLY F 98 -18.01 -19.27 -9.16
CA GLY F 98 -16.96 -18.54 -8.48
C GLY F 98 -16.00 -17.81 -9.42
N LEU F 99 -15.86 -18.34 -10.62
CA LEU F 99 -14.97 -17.74 -11.61
C LEU F 99 -15.13 -16.23 -11.72
N PHE F 100 -16.38 -15.78 -11.67
CA PHE F 100 -16.70 -14.38 -11.81
C PHE F 100 -16.46 -13.50 -10.60
N LYS F 101 -16.01 -14.09 -9.51
CA LYS F 101 -15.74 -13.30 -8.31
C LYS F 101 -14.45 -12.51 -8.53
N ILE F 102 -13.74 -12.81 -9.62
CA ILE F 102 -12.48 -12.14 -9.92
C ILE F 102 -12.72 -10.80 -10.61
N ILE F 103 -13.98 -10.40 -10.73
CA ILE F 103 -14.32 -9.14 -11.39
C ILE F 103 -14.76 -8.04 -10.42
N ARG F 104 -14.03 -6.94 -10.43
CA ARG F 104 -14.31 -5.80 -9.58
C ARG F 104 -15.65 -5.17 -9.91
N VAL F 105 -16.50 -4.99 -8.89
CA VAL F 105 -17.79 -4.38 -9.12
C VAL F 105 -18.07 -3.19 -8.20
N GLU F 106 -18.61 -2.12 -8.78
CA GLU F 106 -18.94 -0.92 -8.02
C GLU F 106 -20.38 -0.48 -8.32
N ALA F 107 -20.94 0.34 -7.45
CA ALA F 107 -22.32 0.82 -7.58
C ALA F 107 -22.67 1.48 -8.90
N ASP F 108 -22.04 2.61 -9.21
CA ASP F 108 -22.32 3.32 -10.44
C ASP F 108 -21.04 3.81 -11.07
N GLU F 109 -21.15 4.53 -12.19
CA GLU F 109 -19.99 5.04 -12.90
C GLU F 109 -19.12 5.97 -12.09
N GLN F 110 -19.74 6.88 -11.35
CA GLN F 110 -19.00 7.83 -10.54
C GLN F 110 -18.12 7.09 -9.54
N PHE F 111 -18.68 6.06 -8.90
CA PHE F 111 -17.91 5.29 -7.93
C PHE F 111 -16.81 4.47 -8.58
N ALA F 112 -17.14 3.80 -9.67
CA ALA F 112 -16.16 3.00 -10.37
C ALA F 112 -14.97 3.89 -10.69
N LEU F 113 -15.25 5.06 -11.24
CA LEU F 113 -14.19 5.99 -11.59
C LEU F 113 -13.47 6.51 -10.35
N GLN F 114 -14.16 6.54 -9.22
CA GLN F 114 -13.52 7.02 -8.01
C GLN F 114 -12.49 6.00 -7.52
N ALA F 115 -12.83 4.73 -7.65
CA ALA F 115 -11.94 3.64 -7.25
C ALA F 115 -10.66 3.72 -8.07
N LEU F 116 -10.77 4.23 -9.29
CA LEU F 116 -9.61 4.36 -10.17
C LEU F 116 -8.89 5.67 -9.97
N GLY F 117 -9.39 6.47 -9.03
CA GLY F 117 -8.77 7.74 -8.74
C GLY F 117 -9.11 8.84 -9.75
N VAL F 118 -10.09 8.59 -10.60
CA VAL F 118 -10.48 9.59 -11.58
C VAL F 118 -11.61 10.46 -11.05
N ALA F 119 -12.74 9.86 -10.72
CA ALA F 119 -13.87 10.62 -10.18
C ALA F 119 -13.54 10.97 -8.72
#